data_7FY8
#
_entry.id   7FY8
#
_cell.length_a   119.658
_cell.length_b   75.081
_cell.length_c   110.691
_cell.angle_alpha   90.000
_cell.angle_beta   94.380
_cell.angle_gamma   90.000
#
_symmetry.space_group_name_H-M   'C 1 2 1'
#
loop_
_entity.id
_entity.type
_entity.pdbx_description
1 polymer 'Fatty acid-binding protein, liver'
2 non-polymer '2-({(3P)-4-cyclopropyl-5-methyl-3-[3-(trifluoromethyl)-1,2,4-oxadiazol-5-yl]thiophen-2-yl}carbamoyl)cyclopent-1-ene-1-carboxylic acid'
3 non-polymer 'THIOCYANATE ION'
4 water water
#
_entity_poly.entity_id   1
_entity_poly.type   'polypeptide(L)'
_entity_poly.pdbx_seq_one_letter_code
;GSHMSFSGKYQLQSQENFEAFMKAIGLPEELIQKGKDIKGVSEIVQNGKHFKFTITAGSKVIQNEFTVGEECELETMTGE
KVKTVVQLEGDNKLVTTFKNIKSVTELNGDIITNTMTLGDIVFKRISKRI
;
_entity_poly.pdbx_strand_id   A,B,C,D,E,F,G,H
#
loop_
_chem_comp.id
_chem_comp.type
_chem_comp.name
_chem_comp.formula
SCN non-polymer 'THIOCYANATE ION' 'C N S -1'
VI9 non-polymer '2-({(3P)-4-cyclopropyl-5-methyl-3-[3-(trifluoromethyl)-1,2,4-oxadiazol-5-yl]thiophen-2-yl}carbamoyl)cyclopent-1-ene-1-carboxylic acid' 'C18 H16 F3 N3 O4 S'
#
# COMPACT_ATOMS: atom_id res chain seq x y z
N SER A 2 -2.35 -40.09 18.13
CA SER A 2 -3.72 -39.86 17.68
C SER A 2 -3.85 -40.32 16.24
N HIS A 3 -4.94 -41.06 15.95
CA HIS A 3 -5.18 -41.60 14.62
C HIS A 3 -6.49 -41.11 14.05
N MET A 4 -6.97 -39.97 14.58
CA MET A 4 -8.18 -39.32 14.13
C MET A 4 -8.10 -38.95 12.63
N SER A 5 -9.19 -39.26 11.87
CA SER A 5 -9.31 -38.94 10.44
C SER A 5 -9.93 -37.59 10.23
N PHE A 6 -9.21 -36.77 9.46
CA PHE A 6 -9.55 -35.41 9.04
C PHE A 6 -10.23 -35.37 7.68
N SER A 7 -10.21 -36.49 6.94
CA SER A 7 -10.80 -36.60 5.60
C SER A 7 -12.21 -36.01 5.50
N GLY A 8 -12.43 -35.26 4.42
CA GLY A 8 -13.74 -34.70 4.11
C GLY A 8 -13.68 -33.43 3.29
N LYS A 9 -14.86 -33.00 2.87
CA LYS A 9 -15.08 -31.74 2.15
C LYS A 9 -15.78 -30.81 3.15
N TYR A 10 -15.20 -29.63 3.33
CA TYR A 10 -15.68 -28.66 4.33
C TYR A 10 -16.02 -27.35 3.69
N GLN A 11 -17.26 -26.90 3.92
CA GLN A 11 -17.78 -25.66 3.43
C GLN A 11 -17.48 -24.56 4.43
N LEU A 12 -16.83 -23.46 3.99
CA LEU A 12 -16.53 -22.34 4.88
C LEU A 12 -17.83 -21.71 5.40
N GLN A 13 -17.95 -21.59 6.73
CA GLN A 13 -19.14 -21.02 7.39
C GLN A 13 -18.92 -19.53 7.70
N SER A 14 -17.81 -19.23 8.33
CA SER A 14 -17.45 -17.88 8.72
C SER A 14 -15.96 -17.77 8.90
N GLN A 15 -15.49 -16.55 8.88
CA GLN A 15 -14.07 -16.25 9.03
C GLN A 15 -13.90 -14.87 9.65
N GLU A 16 -12.81 -14.72 10.41
CA GLU A 16 -12.47 -13.49 11.07
C GLU A 16 -11.09 -13.13 10.61
N ASN A 17 -10.88 -11.83 10.40
CA ASN A 17 -9.60 -11.19 10.07
C ASN A 17 -8.98 -11.59 8.76
N PHE A 18 -9.82 -11.90 7.76
CA PHE A 18 -9.34 -12.24 6.41
C PHE A 18 -8.52 -11.08 5.84
N GLU A 19 -9.10 -9.88 5.84
CA GLU A 19 -8.46 -8.67 5.29
C GLU A 19 -7.22 -8.27 6.04
N ALA A 20 -7.24 -8.31 7.37
CA ALA A 20 -6.09 -7.92 8.19
C ALA A 20 -4.96 -8.90 7.97
N PHE A 21 -5.26 -10.20 7.87
CA PHE A 21 -4.27 -11.25 7.64
C PHE A 21 -3.65 -11.13 6.26
N MET A 22 -4.50 -11.08 5.22
CA MET A 22 -4.06 -10.93 3.82
C MET A 22 -3.25 -9.68 3.61
N LYS A 23 -3.60 -8.57 4.28
CA LYS A 23 -2.81 -7.32 4.23
C LYS A 23 -1.45 -7.56 4.92
N ALA A 24 -1.43 -8.22 6.10
CA ALA A 24 -0.21 -8.51 6.86
C ALA A 24 0.79 -9.44 6.10
N ILE A 25 0.29 -10.33 5.22
CA ILE A 25 1.11 -11.21 4.38
C ILE A 25 1.49 -10.55 3.05
N GLY A 26 1.00 -9.34 2.81
CA GLY A 26 1.32 -8.60 1.60
C GLY A 26 0.61 -9.08 0.33
N LEU A 27 -0.61 -9.62 0.46
CA LEU A 27 -1.41 -10.03 -0.69
C LEU A 27 -1.89 -8.75 -1.39
N PRO A 28 -1.86 -8.68 -2.74
CA PRO A 28 -2.32 -7.45 -3.42
C PRO A 28 -3.78 -7.15 -3.09
N GLU A 29 -4.06 -5.88 -2.86
CA GLU A 29 -5.38 -5.33 -2.51
C GLU A 29 -6.52 -5.86 -3.39
N GLU A 30 -6.27 -5.97 -4.71
CA GLU A 30 -7.20 -6.45 -5.71
C GLU A 30 -7.70 -7.85 -5.34
N LEU A 31 -6.77 -8.76 -4.98
CA LEU A 31 -7.07 -10.12 -4.60
C LEU A 31 -7.77 -10.18 -3.26
N ILE A 32 -7.47 -9.24 -2.36
CA ILE A 32 -8.12 -9.20 -1.03
C ILE A 32 -9.59 -8.89 -1.18
N GLN A 33 -9.92 -7.88 -1.98
CA GLN A 33 -11.29 -7.42 -2.22
C GLN A 33 -12.11 -8.45 -2.96
N LYS A 34 -11.53 -9.10 -3.97
CA LYS A 34 -12.17 -10.15 -4.75
C LYS A 34 -12.46 -11.39 -3.89
N GLY A 35 -11.51 -11.73 -3.01
CA GLY A 35 -11.61 -12.95 -2.24
C GLY A 35 -12.31 -12.93 -0.92
N LYS A 36 -12.45 -11.75 -0.31
CA LYS A 36 -12.95 -11.63 1.05
C LYS A 36 -14.32 -12.25 1.36
N ASP A 37 -15.27 -12.22 0.38
CA ASP A 37 -16.60 -12.77 0.65
C ASP A 37 -16.87 -14.15 0.05
N ILE A 38 -15.85 -14.78 -0.55
CA ILE A 38 -15.97 -16.13 -1.12
C ILE A 38 -15.97 -17.14 0.03
N LYS A 39 -16.98 -18.00 0.07
CA LYS A 39 -17.15 -19.10 1.04
C LYS A 39 -17.17 -20.37 0.23
N GLY A 40 -16.00 -20.95 0.01
CA GLY A 40 -15.87 -22.14 -0.82
C GLY A 40 -15.80 -23.42 -0.01
N VAL A 41 -15.35 -24.48 -0.68
CA VAL A 41 -15.21 -25.82 -0.13
C VAL A 41 -13.72 -26.17 -0.20
N SER A 42 -13.18 -26.59 0.95
CA SER A 42 -11.83 -27.11 1.06
C SER A 42 -11.89 -28.61 1.30
N GLU A 43 -10.96 -29.37 0.71
CA GLU A 43 -10.95 -30.81 0.86
C GLU A 43 -9.65 -31.34 1.52
N ILE A 44 -9.81 -32.31 2.45
CA ILE A 44 -8.70 -33.03 3.07
C ILE A 44 -8.86 -34.52 2.69
N VAL A 45 -7.77 -35.15 2.23
CA VAL A 45 -7.69 -36.56 1.94
C VAL A 45 -6.56 -37.03 2.85
N GLN A 46 -6.89 -37.88 3.84
CA GLN A 46 -5.89 -38.38 4.77
C GLN A 46 -5.80 -39.91 4.62
N ASN A 47 -4.55 -40.43 4.58
CA ASN A 47 -4.23 -41.86 4.53
C ASN A 47 -3.13 -42.07 5.55
N GLY A 48 -3.52 -42.44 6.77
CA GLY A 48 -2.59 -42.60 7.89
C GLY A 48 -2.00 -41.26 8.31
N LYS A 49 -0.69 -41.10 8.13
CA LYS A 49 0.10 -39.89 8.45
C LYS A 49 0.18 -38.97 7.23
N HIS A 50 -0.16 -39.51 6.02
CA HIS A 50 -0.08 -38.74 4.78
C HIS A 50 -1.37 -37.94 4.52
N PHE A 51 -1.22 -36.61 4.19
CA PHE A 51 -2.33 -35.68 3.92
C PHE A 51 -2.20 -34.94 2.61
N LYS A 52 -3.33 -34.75 1.94
CA LYS A 52 -3.44 -33.93 0.73
C LYS A 52 -4.59 -32.94 1.00
N PHE A 53 -4.26 -31.66 0.98
CA PHE A 53 -5.18 -30.54 1.22
C PHE A 53 -5.45 -29.80 -0.09
N THR A 54 -6.72 -29.52 -0.39
CA THR A 54 -7.12 -28.67 -1.53
C THR A 54 -7.91 -27.54 -0.90
N ILE A 55 -7.23 -26.45 -0.63
CA ILE A 55 -7.77 -25.29 0.08
C ILE A 55 -8.25 -24.18 -0.84
N THR A 56 -9.51 -23.77 -0.68
CA THR A 56 -10.08 -22.59 -1.35
C THR A 56 -9.92 -21.44 -0.34
N ALA A 57 -9.05 -20.49 -0.61
CA ALA A 57 -8.76 -19.37 0.30
C ALA A 57 -8.87 -18.11 -0.53
N GLY A 58 -9.98 -17.43 -0.36
CA GLY A 58 -10.30 -16.24 -1.15
C GLY A 58 -10.44 -16.61 -2.61
N SER A 59 -9.68 -15.90 -3.46
CA SER A 59 -9.72 -16.18 -4.89
C SER A 59 -8.59 -17.15 -5.36
N LYS A 60 -7.92 -17.83 -4.42
CA LYS A 60 -6.87 -18.81 -4.71
C LYS A 60 -7.25 -20.22 -4.26
N VAL A 61 -6.80 -21.22 -5.02
CA VAL A 61 -6.91 -22.63 -4.64
C VAL A 61 -5.48 -23.08 -4.44
N ILE A 62 -5.19 -23.58 -3.24
CA ILE A 62 -3.85 -24.07 -2.87
C ILE A 62 -3.89 -25.57 -2.60
N GLN A 63 -2.96 -26.29 -3.20
CA GLN A 63 -2.83 -27.72 -2.97
C GLN A 63 -1.53 -28.00 -2.23
N ASN A 64 -1.62 -28.63 -1.08
CA ASN A 64 -0.45 -29.00 -0.32
C ASN A 64 -0.53 -30.47 0.08
N GLU A 65 0.60 -31.15 -0.01
CA GLU A 65 0.69 -32.52 0.46
C GLU A 65 1.92 -32.78 1.28
N PHE A 66 1.72 -33.54 2.36
CA PHE A 66 2.76 -33.82 3.34
C PHE A 66 2.45 -35.07 4.10
N THR A 67 3.45 -35.59 4.81
CA THR A 67 3.34 -36.68 5.75
C THR A 67 3.74 -36.04 7.06
N VAL A 68 2.91 -36.19 8.14
CA VAL A 68 3.21 -35.60 9.46
C VAL A 68 4.59 -36.05 9.94
N GLY A 69 5.39 -35.12 10.46
CA GLY A 69 6.73 -35.44 10.95
C GLY A 69 7.81 -35.40 9.90
N GLU A 70 7.46 -35.25 8.63
CA GLU A 70 8.47 -35.21 7.57
C GLU A 70 8.52 -33.84 6.95
N GLU A 71 9.71 -33.42 6.52
CA GLU A 71 9.91 -32.13 5.87
C GLU A 71 9.09 -32.07 4.59
N CYS A 72 8.33 -31.00 4.43
CA CYS A 72 7.49 -30.79 3.27
C CYS A 72 7.75 -29.39 2.71
N GLU A 73 7.26 -29.14 1.52
CA GLU A 73 7.32 -27.82 0.92
C GLU A 73 5.88 -27.36 0.74
N LEU A 74 5.47 -26.34 1.52
CA LEU A 74 4.11 -25.81 1.49
C LEU A 74 4.04 -24.57 0.65
N GLU A 75 2.97 -24.45 -0.12
CA GLU A 75 2.69 -23.29 -0.92
C GLU A 75 1.87 -22.33 -0.07
N THR A 76 2.32 -21.09 -0.02
CA THR A 76 1.67 -20.04 0.74
C THR A 76 0.71 -19.26 -0.12
N MET A 77 -0.10 -18.42 0.52
CA MET A 77 -1.08 -17.58 -0.14
C MET A 77 -0.43 -16.64 -1.17
N THR A 78 0.81 -16.20 -0.90
CA THR A 78 1.55 -15.31 -1.79
C THR A 78 2.18 -16.04 -3.00
N GLY A 79 2.05 -17.37 -3.05
CA GLY A 79 2.60 -18.19 -4.13
C GLY A 79 4.00 -18.72 -3.87
N GLU A 80 4.62 -18.25 -2.78
CA GLU A 80 5.93 -18.64 -2.32
C GLU A 80 5.87 -20.07 -1.72
N LYS A 81 6.89 -20.90 -2.00
CA LYS A 81 6.98 -22.24 -1.44
C LYS A 81 7.98 -22.23 -0.28
N VAL A 82 7.55 -22.73 0.89
CA VAL A 82 8.34 -22.74 2.11
C VAL A 82 8.54 -24.15 2.62
N LYS A 83 9.75 -24.42 3.13
CA LYS A 83 10.10 -25.71 3.72
C LYS A 83 9.68 -25.71 5.20
N THR A 84 8.86 -26.70 5.59
CA THR A 84 8.40 -26.84 6.97
C THR A 84 8.03 -28.28 7.29
N VAL A 85 7.44 -28.50 8.47
CA VAL A 85 6.98 -29.79 8.96
C VAL A 85 5.61 -29.56 9.61
N VAL A 86 4.69 -30.50 9.37
CA VAL A 86 3.39 -30.46 10.00
C VAL A 86 3.43 -31.53 11.10
N GLN A 87 2.94 -31.20 12.30
CA GLN A 87 2.89 -32.19 13.36
C GLN A 87 1.46 -32.40 13.87
N LEU A 88 1.24 -33.53 14.52
CA LEU A 88 0.00 -33.82 15.17
C LEU A 88 0.12 -33.35 16.61
N GLU A 89 -0.80 -32.50 17.03
CA GLU A 89 -0.82 -31.99 18.37
C GLU A 89 -2.11 -32.43 19.00
N GLY A 90 -2.00 -33.03 20.16
CA GLY A 90 -3.15 -33.47 20.92
C GLY A 90 -3.93 -34.55 20.21
N ASP A 91 -5.23 -34.55 20.44
CA ASP A 91 -6.09 -35.58 19.86
C ASP A 91 -6.70 -35.25 18.53
N ASN A 92 -6.82 -33.95 18.21
CA ASN A 92 -7.54 -33.53 17.03
C ASN A 92 -6.90 -32.36 16.27
N LYS A 93 -5.57 -32.17 16.36
CA LYS A 93 -4.94 -30.98 15.74
C LYS A 93 -3.74 -31.22 14.86
N LEU A 94 -3.62 -30.44 13.76
CA LEU A 94 -2.45 -30.41 12.86
C LEU A 94 -1.86 -29.04 13.04
N VAL A 95 -0.57 -29.00 13.39
CA VAL A 95 0.12 -27.75 13.70
C VAL A 95 1.38 -27.60 12.84
N THR A 96 1.62 -26.39 12.36
CA THR A 96 2.79 -26.04 11.57
C THR A 96 3.13 -24.57 11.74
N THR A 97 4.35 -24.19 11.41
CA THR A 97 4.84 -22.81 11.52
C THR A 97 5.72 -22.52 10.30
N PHE A 98 5.36 -21.49 9.52
CA PHE A 98 6.08 -21.03 8.31
C PHE A 98 5.94 -19.53 8.26
N LYS A 99 6.97 -18.80 7.75
CA LYS A 99 6.97 -17.35 7.57
C LYS A 99 6.29 -16.59 8.75
N ASN A 100 6.68 -16.96 9.98
CA ASN A 100 6.19 -16.37 11.23
C ASN A 100 4.71 -16.57 11.53
N ILE A 101 4.10 -17.53 10.84
CA ILE A 101 2.72 -17.88 11.04
C ILE A 101 2.67 -19.16 11.81
N LYS A 102 1.83 -19.20 12.83
CA LYS A 102 1.52 -20.43 13.53
C LYS A 102 0.14 -20.89 13.01
N SER A 103 0.11 -22.08 12.36
CA SER A 103 -1.12 -22.63 11.81
C SER A 103 -1.59 -23.82 12.62
N VAL A 104 -2.87 -23.81 13.00
CA VAL A 104 -3.51 -24.87 13.78
C VAL A 104 -4.81 -25.26 13.06
N THR A 105 -4.91 -26.52 12.62
CA THR A 105 -6.10 -27.08 12.03
C THR A 105 -6.70 -28.06 13.05
N GLU A 106 -7.89 -27.73 13.57
CA GLU A 106 -8.55 -28.54 14.61
C GLU A 106 -9.89 -29.06 14.14
N LEU A 107 -10.13 -30.37 14.34
CA LEU A 107 -11.40 -30.99 13.96
C LEU A 107 -12.18 -31.38 15.23
N ASN A 108 -13.43 -31.01 15.27
CA ASN A 108 -14.34 -31.34 16.37
C ASN A 108 -15.62 -31.81 15.71
N GLY A 109 -15.72 -33.13 15.52
CA GLY A 109 -16.86 -33.79 14.89
C GLY A 109 -16.93 -33.42 13.42
N ASP A 110 -17.85 -32.51 13.08
CA ASP A 110 -18.06 -32.05 11.72
C ASP A 110 -17.49 -30.65 11.48
N ILE A 111 -17.06 -29.97 12.54
CA ILE A 111 -16.52 -28.60 12.49
C ILE A 111 -15.02 -28.55 12.50
N ILE A 112 -14.47 -27.94 11.46
CA ILE A 112 -13.05 -27.74 11.34
C ILE A 112 -12.72 -26.26 11.61
N THR A 113 -11.80 -26.00 12.54
CA THR A 113 -11.36 -24.66 12.86
C THR A 113 -9.89 -24.53 12.37
N ASN A 114 -9.63 -23.63 11.42
CA ASN A 114 -8.29 -23.31 10.96
C ASN A 114 -7.94 -21.95 11.52
N THR A 115 -6.83 -21.89 12.30
CA THR A 115 -6.38 -20.66 12.96
C THR A 115 -4.96 -20.39 12.45
N MET A 116 -4.76 -19.20 11.87
CA MET A 116 -3.45 -18.74 11.42
C MET A 116 -3.10 -17.46 12.17
N THR A 117 -2.07 -17.54 13.03
CA THR A 117 -1.66 -16.44 13.91
C THR A 117 -0.38 -15.84 13.43
N LEU A 118 -0.43 -14.55 13.11
CA LEU A 118 0.68 -13.74 12.62
C LEU A 118 0.73 -12.50 13.47
N GLY A 119 1.81 -12.36 14.24
CA GLY A 119 1.91 -11.24 15.17
C GLY A 119 0.74 -11.43 16.12
N ASP A 120 -0.09 -10.43 16.30
CA ASP A 120 -1.23 -10.77 17.18
C ASP A 120 -2.53 -10.88 16.37
N ILE A 121 -2.43 -11.04 15.05
CA ILE A 121 -3.58 -11.23 14.16
C ILE A 121 -3.94 -12.73 14.14
N VAL A 122 -5.18 -13.02 14.47
CA VAL A 122 -5.72 -14.36 14.49
C VAL A 122 -6.73 -14.48 13.36
N PHE A 123 -6.32 -15.12 12.27
CA PHE A 123 -7.14 -15.37 11.11
C PHE A 123 -7.78 -16.74 11.36
N LYS A 124 -9.09 -16.73 11.61
CA LYS A 124 -9.82 -17.91 11.96
C LYS A 124 -10.90 -18.24 10.94
N ARG A 125 -10.87 -19.48 10.47
CA ARG A 125 -11.83 -20.00 9.52
C ARG A 125 -12.57 -21.16 10.15
N ILE A 126 -13.89 -21.15 10.05
CA ILE A 126 -14.73 -22.22 10.59
C ILE A 126 -15.49 -22.81 9.43
N SER A 127 -15.31 -24.10 9.23
CA SER A 127 -15.87 -24.87 8.12
C SER A 127 -16.64 -26.03 8.65
N LYS A 128 -17.65 -26.48 7.90
CA LYS A 128 -18.49 -27.59 8.28
C LYS A 128 -18.49 -28.65 7.18
N ARG A 129 -18.39 -29.92 7.58
CA ARG A 129 -18.41 -31.06 6.68
C ARG A 129 -19.67 -31.05 5.80
N ILE A 130 -19.50 -31.30 4.50
CA ILE A 130 -20.60 -31.40 3.53
C ILE A 130 -20.64 -32.75 2.81
N SER B 5 22.75 10.50 2.20
CA SER B 5 23.57 9.35 2.53
C SER B 5 23.16 8.74 3.86
N PHE B 6 22.95 7.42 3.89
CA PHE B 6 22.61 6.69 5.11
C PHE B 6 23.85 6.32 5.91
N SER B 7 25.06 6.44 5.30
CA SER B 7 26.33 6.09 5.93
C SER B 7 26.50 6.67 7.33
N GLY B 8 26.98 5.83 8.26
CA GLY B 8 27.23 6.24 9.63
C GLY B 8 27.12 5.12 10.63
N LYS B 9 27.49 5.43 11.85
CA LYS B 9 27.42 4.57 13.02
C LYS B 9 26.30 5.15 13.86
N TYR B 10 25.32 4.31 14.22
CA TYR B 10 24.13 4.74 14.95
C TYR B 10 23.98 3.97 16.25
N GLN B 11 23.91 4.70 17.34
CA GLN B 11 23.75 4.19 18.68
C GLN B 11 22.25 4.08 18.97
N LEU B 12 21.77 2.87 19.37
CA LEU B 12 20.36 2.69 19.72
C LEU B 12 19.99 3.57 20.93
N GLN B 13 18.94 4.38 20.81
CA GLN B 13 18.49 5.30 21.89
C GLN B 13 17.33 4.64 22.67
N SER B 14 16.34 4.12 21.93
CA SER B 14 15.17 3.49 22.53
C SER B 14 14.51 2.57 21.53
N GLN B 15 13.71 1.66 22.05
CA GLN B 15 12.97 0.73 21.21
C GLN B 15 11.66 0.34 21.87
N GLU B 16 10.66 0.03 21.06
CA GLU B 16 9.35 -0.39 21.52
C GLU B 16 9.10 -1.78 20.96
N ASN B 17 8.49 -2.64 21.77
CA ASN B 17 8.02 -3.97 21.41
C ASN B 17 9.10 -4.98 21.06
N PHE B 18 10.31 -4.83 21.62
CA PHE B 18 11.39 -5.80 21.38
C PHE B 18 10.94 -7.21 21.78
N GLU B 19 10.43 -7.38 23.01
CA GLU B 19 10.01 -8.65 23.56
C GLU B 19 8.83 -9.26 22.82
N ALA B 20 7.81 -8.46 22.51
CA ALA B 20 6.64 -8.96 21.77
C ALA B 20 7.04 -9.43 20.37
N PHE B 21 7.92 -8.65 19.68
CA PHE B 21 8.40 -8.98 18.36
C PHE B 21 9.21 -10.27 18.37
N MET B 22 10.23 -10.34 19.28
CA MET B 22 11.09 -11.51 19.42
C MET B 22 10.34 -12.78 19.79
N LYS B 23 9.29 -12.65 20.61
CA LYS B 23 8.43 -13.77 20.99
C LYS B 23 7.62 -14.22 19.75
N ALA B 24 7.07 -13.27 18.97
CA ALA B 24 6.29 -13.53 17.75
C ALA B 24 7.10 -14.18 16.64
N ILE B 25 8.43 -13.92 16.58
CA ILE B 25 9.33 -14.55 15.59
C ILE B 25 9.90 -15.91 16.09
N GLY B 26 9.56 -16.27 17.32
CA GLY B 26 9.98 -17.52 17.94
C GLY B 26 11.43 -17.54 18.38
N LEU B 27 11.97 -16.38 18.78
CA LEU B 27 13.34 -16.30 19.26
C LEU B 27 13.34 -16.95 20.66
N PRO B 28 14.34 -17.80 20.99
CA PRO B 28 14.33 -18.45 22.32
C PRO B 28 14.35 -17.42 23.42
N GLU B 29 13.61 -17.69 24.50
CA GLU B 29 13.50 -16.86 25.70
C GLU B 29 14.86 -16.39 26.26
N GLU B 30 15.86 -17.30 26.25
CA GLU B 30 17.23 -17.04 26.72
C GLU B 30 17.82 -15.83 25.97
N LEU B 31 17.68 -15.83 24.61
CA LEU B 31 18.18 -14.75 23.76
C LEU B 31 17.38 -13.47 23.93
N ILE B 32 16.06 -13.59 24.24
CA ILE B 32 15.21 -12.40 24.42
C ILE B 32 15.63 -11.63 25.66
N GLN B 33 15.83 -12.36 26.77
CA GLN B 33 16.23 -11.81 28.05
C GLN B 33 17.61 -11.18 28.01
N LYS B 34 18.56 -11.86 27.36
CA LYS B 34 19.93 -11.39 27.19
C LYS B 34 19.98 -10.14 26.29
N GLY B 35 19.19 -10.13 25.21
CA GLY B 35 19.22 -9.05 24.23
C GLY B 35 18.41 -7.80 24.51
N LYS B 36 17.32 -7.92 25.27
CA LYS B 36 16.36 -6.82 25.49
C LYS B 36 16.90 -5.45 25.94
N ASP B 37 17.97 -5.44 26.78
CA ASP B 37 18.48 -4.18 27.34
C ASP B 37 19.77 -3.68 26.73
N ILE B 38 20.28 -4.41 25.71
CA ILE B 38 21.47 -4.03 24.98
C ILE B 38 21.14 -2.85 24.07
N LYS B 39 21.92 -1.76 24.21
CA LYS B 39 21.80 -0.58 23.34
C LYS B 39 23.14 -0.43 22.63
N GLY B 40 23.27 -1.11 21.50
CA GLY B 40 24.53 -1.14 20.75
C GLY B 40 24.58 -0.17 19.61
N VAL B 41 25.59 -0.36 18.77
CA VAL B 41 25.87 0.50 17.62
C VAL B 41 25.72 -0.33 16.37
N SER B 42 24.89 0.16 15.44
CA SER B 42 24.73 -0.43 14.12
C SER B 42 25.43 0.48 13.09
N GLU B 43 26.06 -0.12 12.08
CA GLU B 43 26.76 0.65 11.07
C GLU B 43 26.19 0.44 9.67
N ILE B 44 26.08 1.54 8.90
CA ILE B 44 25.69 1.52 7.51
C ILE B 44 26.85 2.09 6.69
N VAL B 45 27.20 1.40 5.61
CA VAL B 45 28.16 1.87 4.64
C VAL B 45 27.37 1.90 3.34
N GLN B 46 27.15 3.10 2.81
CA GLN B 46 26.40 3.27 1.57
C GLN B 46 27.28 3.88 0.49
N ASN B 47 27.27 3.26 -0.70
CA ASN B 47 27.98 3.73 -1.90
C ASN B 47 26.97 3.66 -3.02
N GLY B 48 26.33 4.80 -3.31
CA GLY B 48 25.29 4.91 -4.33
C GLY B 48 24.10 4.03 -4.01
N LYS B 49 23.85 3.04 -4.89
CA LYS B 49 22.75 2.05 -4.77
C LYS B 49 23.08 0.87 -3.85
N HIS B 50 24.38 0.73 -3.47
CA HIS B 50 24.90 -0.38 -2.67
C HIS B 50 25.01 -0.04 -1.19
N PHE B 51 24.53 -0.98 -0.34
CA PHE B 51 24.52 -0.82 1.11
C PHE B 51 25.07 -2.04 1.81
N LYS B 52 25.83 -1.80 2.88
CA LYS B 52 26.33 -2.84 3.77
C LYS B 52 25.93 -2.41 5.19
N PHE B 53 25.13 -3.26 5.84
CA PHE B 53 24.60 -3.04 7.17
C PHE B 53 25.29 -3.97 8.15
N THR B 54 25.76 -3.47 9.29
CA THR B 54 26.29 -4.27 10.39
C THR B 54 25.39 -3.92 11.56
N ILE B 55 24.38 -4.73 11.80
CA ILE B 55 23.34 -4.46 12.80
C ILE B 55 23.59 -5.21 14.09
N THR B 56 23.52 -4.50 15.20
CA THR B 56 23.55 -5.06 16.53
C THR B 56 22.08 -5.12 16.95
N ALA B 57 21.49 -6.30 16.95
CA ALA B 57 20.09 -6.49 17.33
C ALA B 57 20.08 -7.48 18.47
N GLY B 58 19.80 -6.98 19.68
CA GLY B 58 19.86 -7.74 20.90
C GLY B 58 21.26 -8.28 21.06
N SER B 59 21.40 -9.59 21.23
CA SER B 59 22.72 -10.20 21.42
C SER B 59 23.36 -10.72 20.11
N LYS B 60 22.77 -10.40 18.97
CA LYS B 60 23.27 -10.84 17.67
C LYS B 60 23.81 -9.70 16.83
N VAL B 61 24.83 -9.99 16.01
CA VAL B 61 25.38 -9.05 15.02
C VAL B 61 25.03 -9.66 13.69
N ILE B 62 24.25 -8.93 12.88
CA ILE B 62 23.81 -9.38 11.57
C ILE B 62 24.40 -8.49 10.52
N GLN B 63 25.01 -9.10 9.51
CA GLN B 63 25.54 -8.36 8.39
C GLN B 63 24.70 -8.65 7.15
N ASN B 64 24.17 -7.61 6.54
CA ASN B 64 23.41 -7.72 5.30
C ASN B 64 23.95 -6.75 4.28
N GLU B 65 24.04 -7.21 3.03
CA GLU B 65 24.44 -6.33 1.94
C GLU B 65 23.59 -6.52 0.72
N PHE B 66 23.27 -5.41 0.08
CA PHE B 66 22.37 -5.40 -1.03
C PHE B 66 22.58 -4.16 -1.88
N THR B 67 22.09 -4.26 -3.12
CA THR B 67 22.01 -3.15 -4.05
C THR B 67 20.49 -2.90 -4.13
N VAL B 68 20.06 -1.64 -3.94
CA VAL B 68 18.61 -1.35 -4.03
C VAL B 68 18.05 -1.71 -5.43
N GLY B 69 16.90 -2.37 -5.45
CA GLY B 69 16.26 -2.81 -6.69
C GLY B 69 16.73 -4.15 -7.20
N GLU B 70 17.74 -4.74 -6.57
CA GLU B 70 18.26 -6.04 -6.99
C GLU B 70 17.96 -7.09 -5.94
N GLU B 71 17.74 -8.34 -6.38
CA GLU B 71 17.47 -9.46 -5.51
C GLU B 71 18.65 -9.65 -4.58
N CYS B 72 18.36 -9.78 -3.29
CA CYS B 72 19.37 -9.97 -2.27
C CYS B 72 18.95 -11.12 -1.37
N GLU B 73 19.88 -11.60 -0.56
CA GLU B 73 19.59 -12.63 0.42
C GLU B 73 19.88 -11.99 1.76
N LEU B 74 18.82 -11.77 2.56
CA LEU B 74 18.93 -11.16 3.88
C LEU B 74 18.92 -12.20 4.98
N GLU B 75 19.71 -11.97 6.01
CA GLU B 75 19.76 -12.83 7.17
C GLU B 75 18.79 -12.26 8.23
N THR B 76 17.93 -13.12 8.75
CA THR B 76 16.94 -12.78 9.76
C THR B 76 17.49 -13.03 11.17
N MET B 77 16.76 -12.54 12.17
CA MET B 77 17.07 -12.69 13.58
C MET B 77 17.17 -14.15 14.02
N THR B 78 16.39 -15.03 13.39
CA THR B 78 16.40 -16.47 13.66
C THR B 78 17.55 -17.19 12.96
N GLY B 79 18.33 -16.49 12.15
CA GLY B 79 19.50 -17.07 11.47
C GLY B 79 19.21 -17.56 10.08
N GLU B 80 17.94 -17.57 9.71
CA GLU B 80 17.42 -17.99 8.42
C GLU B 80 17.74 -16.91 7.36
N LYS B 81 18.17 -17.34 6.16
CA LYS B 81 18.44 -16.44 5.05
C LYS B 81 17.25 -16.44 4.08
N VAL B 82 16.74 -15.25 3.73
CA VAL B 82 15.58 -15.10 2.87
C VAL B 82 15.91 -14.26 1.64
N LYS B 83 15.32 -14.64 0.50
CA LYS B 83 15.50 -13.93 -0.77
C LYS B 83 14.46 -12.84 -0.87
N THR B 84 14.88 -11.60 -1.09
CA THR B 84 13.99 -10.44 -1.18
C THR B 84 14.64 -9.32 -1.98
N VAL B 85 14.03 -8.10 -1.95
CA VAL B 85 14.54 -6.90 -2.60
C VAL B 85 14.35 -5.74 -1.65
N VAL B 86 15.33 -4.83 -1.59
CA VAL B 86 15.23 -3.62 -0.78
C VAL B 86 15.05 -2.49 -1.76
N GLN B 87 14.09 -1.60 -1.48
CA GLN B 87 13.81 -0.47 -2.37
C GLN B 87 13.97 0.84 -1.66
N LEU B 88 14.26 1.90 -2.42
CA LEU B 88 14.30 3.25 -1.90
C LEU B 88 12.94 3.88 -2.20
N GLU B 89 12.35 4.52 -1.16
CA GLU B 89 11.09 5.23 -1.25
C GLU B 89 11.40 6.63 -0.78
N GLY B 90 11.36 7.57 -1.71
CA GLY B 90 11.82 8.94 -1.47
C GLY B 90 13.34 8.88 -1.45
N ASP B 91 13.97 9.78 -0.69
CA ASP B 91 15.43 9.80 -0.57
C ASP B 91 15.92 9.15 0.72
N ASN B 92 15.06 9.16 1.75
CA ASN B 92 15.40 8.73 3.09
C ASN B 92 14.80 7.42 3.61
N LYS B 93 14.15 6.62 2.77
CA LYS B 93 13.56 5.38 3.27
C LYS B 93 13.99 4.18 2.51
N LEU B 94 14.35 3.13 3.23
CA LEU B 94 14.68 1.83 2.65
C LEU B 94 13.55 0.93 3.11
N VAL B 95 12.92 0.26 2.16
CA VAL B 95 11.77 -0.60 2.45
C VAL B 95 12.03 -2.00 1.91
N THR B 96 11.64 -3.00 2.69
CA THR B 96 11.75 -4.41 2.31
C THR B 96 10.73 -5.25 3.06
N THR B 97 10.59 -6.50 2.63
CA THR B 97 9.69 -7.47 3.22
C THR B 97 10.46 -8.82 3.36
N PHE B 98 10.20 -9.59 4.44
CA PHE B 98 10.78 -10.90 4.71
C PHE B 98 10.03 -11.60 5.83
N LYS B 99 9.71 -12.91 5.65
CA LYS B 99 9.03 -13.74 6.65
C LYS B 99 7.82 -12.98 7.28
N ASN B 100 7.04 -12.31 6.42
CA ASN B 100 5.85 -11.52 6.76
C ASN B 100 6.13 -10.31 7.63
N ILE B 101 7.33 -9.74 7.50
CA ILE B 101 7.73 -8.53 8.22
C ILE B 101 7.94 -7.44 7.22
N LYS B 102 7.24 -6.33 7.38
CA LYS B 102 7.47 -5.15 6.57
C LYS B 102 8.53 -4.33 7.35
N SER B 103 9.67 -4.08 6.72
CA SER B 103 10.77 -3.33 7.32
C SER B 103 10.93 -1.98 6.62
N VAL B 104 10.95 -0.90 7.42
CA VAL B 104 11.10 0.49 6.94
C VAL B 104 12.25 1.13 7.74
N THR B 105 13.31 1.51 7.04
CA THR B 105 14.45 2.19 7.65
C THR B 105 14.43 3.63 7.15
N GLU B 106 14.15 4.58 8.05
CA GLU B 106 14.02 5.98 7.70
C GLU B 106 15.05 6.84 8.39
N LEU B 107 15.75 7.68 7.61
CA LEU B 107 16.74 8.60 8.16
C LEU B 107 16.21 10.02 8.10
N ASN B 108 16.26 10.72 9.23
CA ASN B 108 15.86 12.12 9.34
C ASN B 108 16.97 12.83 10.09
N GLY B 109 17.88 13.45 9.30
CA GLY B 109 19.05 14.13 9.82
C GLY B 109 20.03 13.16 10.42
N ASP B 110 20.09 13.13 11.76
CA ASP B 110 20.96 12.22 12.51
C ASP B 110 20.22 11.03 13.13
N ILE B 111 18.87 11.04 13.05
CA ILE B 111 18.00 10.03 13.64
C ILE B 111 17.52 9.02 12.64
N ILE B 112 17.82 7.75 12.92
CA ILE B 112 17.37 6.64 12.11
C ILE B 112 16.22 5.92 12.86
N THR B 113 15.09 5.75 12.17
CA THR B 113 13.93 5.05 12.71
C THR B 113 13.79 3.74 11.93
N ASN B 114 13.89 2.62 12.64
CA ASN B 114 13.69 1.33 12.02
C ASN B 114 12.40 0.75 12.53
N THR B 115 11.45 0.50 11.62
CA THR B 115 10.15 -0.01 11.96
C THR B 115 9.96 -1.37 11.30
N MET B 116 9.71 -2.40 12.14
CA MET B 116 9.47 -3.76 11.69
C MET B 116 8.07 -4.14 12.13
N THR B 117 7.16 -4.29 11.15
CA THR B 117 5.77 -4.64 11.40
C THR B 117 5.54 -6.12 11.05
N LEU B 118 5.08 -6.91 12.02
CA LEU B 118 4.73 -8.31 11.91
C LEU B 118 3.31 -8.44 12.49
N GLY B 119 2.32 -8.61 11.61
CA GLY B 119 0.93 -8.65 12.04
C GLY B 119 0.60 -7.27 12.57
N ASP B 120 0.13 -7.18 13.81
CA ASP B 120 -0.17 -5.87 14.40
C ASP B 120 0.97 -5.41 15.33
N ILE B 121 2.08 -6.21 15.39
CA ILE B 121 3.24 -5.83 16.20
C ILE B 121 4.14 -4.87 15.46
N VAL B 122 4.36 -3.68 16.02
CA VAL B 122 5.21 -2.63 15.46
C VAL B 122 6.44 -2.53 16.36
N PHE B 123 7.55 -3.12 15.92
CA PHE B 123 8.84 -3.13 16.61
C PHE B 123 9.60 -1.92 16.04
N LYS B 124 9.75 -0.89 16.87
CA LYS B 124 10.34 0.36 16.46
C LYS B 124 11.63 0.68 17.22
N ARG B 125 12.70 0.93 16.46
CA ARG B 125 14.03 1.26 17.00
C ARG B 125 14.41 2.65 16.59
N ILE B 126 14.83 3.46 17.55
CA ILE B 126 15.30 4.82 17.30
C ILE B 126 16.78 4.88 17.66
N SER B 127 17.62 5.20 16.67
CA SER B 127 19.07 5.30 16.85
C SER B 127 19.55 6.64 16.36
N LYS B 128 20.67 7.12 16.95
CA LYS B 128 21.27 8.40 16.66
C LYS B 128 22.72 8.24 16.22
N ARG B 129 23.09 9.00 15.18
CA ARG B 129 24.43 9.03 14.62
C ARG B 129 25.46 9.40 15.70
N ILE B 130 26.59 8.67 15.73
CA ILE B 130 27.69 8.88 16.67
C ILE B 130 29.02 9.15 15.95
N SER C 5 40.88 6.31 32.27
CA SER C 5 39.57 5.72 32.08
C SER C 5 39.49 4.91 30.76
N PHE C 6 38.98 3.67 30.88
CA PHE C 6 38.76 2.77 29.74
C PHE C 6 37.44 3.09 29.03
N SER C 7 36.54 3.88 29.66
CA SER C 7 35.24 4.26 29.10
C SER C 7 35.30 4.71 27.64
N GLY C 8 34.35 4.22 26.85
CA GLY C 8 34.25 4.57 25.44
C GLY C 8 33.66 3.50 24.56
N LYS C 9 33.45 3.87 23.31
CA LYS C 9 32.96 3.00 22.25
C LYS C 9 34.17 2.80 21.34
N TYR C 10 34.50 1.54 21.04
CA TYR C 10 35.67 1.19 20.27
C TYR C 10 35.31 0.37 19.08
N GLN C 11 35.69 0.85 17.92
CA GLN C 11 35.45 0.20 16.64
C GLN C 11 36.65 -0.73 16.36
N LEU C 12 36.39 -2.01 16.07
CA LEU C 12 37.43 -2.95 15.67
C LEU C 12 38.12 -2.48 14.36
N GLN C 13 39.45 -2.37 14.36
CA GLN C 13 40.23 -1.94 13.20
C GLN C 13 40.81 -3.16 12.48
N SER C 14 41.39 -4.10 13.23
CA SER C 14 41.98 -5.32 12.68
C SER C 14 42.08 -6.38 13.75
N GLN C 15 42.25 -7.63 13.32
CA GLN C 15 42.44 -8.77 14.19
C GLN C 15 43.26 -9.86 13.52
N GLU C 16 44.03 -10.59 14.33
CA GLU C 16 44.87 -11.68 13.86
C GLU C 16 44.42 -12.92 14.61
N ASN C 17 44.44 -14.07 13.90
CA ASN C 17 44.12 -15.39 14.43
C ASN C 17 42.72 -15.62 14.97
N PHE C 18 41.72 -14.90 14.42
CA PHE C 18 40.32 -15.07 14.83
C PHE C 18 39.88 -16.52 14.56
N GLU C 19 40.15 -17.00 13.37
CA GLU C 19 39.79 -18.36 12.88
C GLU C 19 40.46 -19.46 13.68
N ALA C 20 41.77 -19.34 13.92
CA ALA C 20 42.50 -20.37 14.64
C ALA C 20 42.01 -20.45 16.10
N PHE C 21 41.77 -19.29 16.76
CA PHE C 21 41.26 -19.21 18.13
C PHE C 21 39.87 -19.87 18.25
N MET C 22 38.94 -19.51 17.36
CA MET C 22 37.56 -20.02 17.30
C MET C 22 37.53 -21.48 17.04
N LYS C 23 38.38 -21.95 16.14
CA LYS C 23 38.49 -23.38 15.88
C LYS C 23 39.00 -24.11 17.13
N ALA C 24 40.03 -23.56 17.83
CA ALA C 24 40.62 -24.19 19.02
C ALA C 24 39.63 -24.31 20.18
N ILE C 25 38.65 -23.36 20.34
CA ILE C 25 37.61 -23.46 21.38
C ILE C 25 36.39 -24.43 20.98
N GLY C 26 36.46 -25.05 19.81
CA GLY C 26 35.46 -26.01 19.36
C GLY C 26 34.38 -25.52 18.43
N LEU C 27 34.52 -24.30 17.94
CA LEU C 27 33.47 -23.70 17.11
C LEU C 27 33.53 -24.13 15.67
N PRO C 28 32.36 -24.18 14.94
CA PRO C 28 32.36 -24.72 13.56
C PRO C 28 32.75 -23.70 12.48
N GLU C 29 33.43 -24.16 11.44
CA GLU C 29 33.91 -23.38 10.29
C GLU C 29 32.88 -22.45 9.69
N GLU C 30 31.63 -22.91 9.56
CA GLU C 30 30.51 -22.14 9.02
C GLU C 30 30.28 -20.85 9.83
N LEU C 31 30.21 -20.99 11.14
CA LEU C 31 30.04 -19.86 12.07
C LEU C 31 31.29 -18.93 12.07
N ILE C 32 32.48 -19.50 11.92
CA ILE C 32 33.73 -18.74 11.94
C ILE C 32 33.80 -17.84 10.71
N GLN C 33 33.44 -18.35 9.55
CA GLN C 33 33.48 -17.57 8.33
C GLN C 33 32.48 -16.42 8.37
N LYS C 34 31.26 -16.67 8.90
CA LYS C 34 30.20 -15.67 9.09
C LYS C 34 30.71 -14.48 9.94
N GLY C 35 31.32 -14.72 11.09
CA GLY C 35 31.78 -13.67 12.01
C GLY C 35 33.17 -13.11 11.83
N LYS C 36 34.07 -13.79 11.09
CA LYS C 36 35.46 -13.34 10.84
C LYS C 36 35.69 -11.94 10.30
N ASP C 37 34.81 -11.43 9.44
CA ASP C 37 34.94 -10.11 8.82
C ASP C 37 34.04 -9.03 9.43
N ILE C 38 33.33 -9.33 10.54
CA ILE C 38 32.50 -8.30 11.17
C ILE C 38 33.42 -7.38 11.94
N LYS C 39 33.34 -6.08 11.71
CA LYS C 39 34.14 -5.11 12.45
C LYS C 39 33.17 -4.24 13.20
N GLY C 40 32.78 -4.68 14.38
CA GLY C 40 31.79 -3.99 15.19
C GLY C 40 32.33 -2.99 16.19
N VAL C 41 31.43 -2.53 17.04
CA VAL C 41 31.71 -1.55 18.10
C VAL C 41 31.47 -2.23 19.44
N SER C 42 32.51 -2.20 20.29
CA SER C 42 32.45 -2.71 21.66
C SER C 42 32.41 -1.48 22.59
N GLU C 43 31.63 -1.55 23.66
CA GLU C 43 31.52 -0.45 24.60
C GLU C 43 31.99 -0.83 26.01
N ILE C 44 32.74 0.10 26.67
CA ILE C 44 33.19 -0.05 28.04
C ILE C 44 32.61 1.13 28.82
N VAL C 45 32.03 0.86 29.98
CA VAL C 45 31.55 1.85 30.92
C VAL C 45 32.32 1.54 32.19
N GLN C 46 33.18 2.49 32.60
CA GLN C 46 34.00 2.32 33.80
C GLN C 46 33.61 3.34 34.85
N ASN C 47 33.45 2.90 36.09
CA ASN C 47 33.16 3.74 37.27
C ASN C 47 34.10 3.21 38.37
N GLY C 48 35.24 3.86 38.55
CA GLY C 48 36.27 3.42 39.50
C GLY C 48 36.83 2.05 39.11
N LYS C 49 36.64 1.06 39.99
CA LYS C 49 37.09 -0.33 39.83
C LYS C 49 36.01 -1.18 39.13
N HIS C 50 34.80 -0.61 38.94
CA HIS C 50 33.70 -1.29 38.32
C HIS C 50 33.65 -1.06 36.80
N PHE C 51 33.48 -2.16 36.04
CA PHE C 51 33.45 -2.15 34.59
C PHE C 51 32.24 -2.91 34.02
N LYS C 52 31.67 -2.38 32.94
CA LYS C 52 30.63 -3.04 32.17
C LYS C 52 31.09 -3.03 30.71
N PHE C 53 31.33 -4.21 30.16
CA PHE C 53 31.74 -4.42 28.77
C PHE C 53 30.57 -4.92 27.90
N THR C 54 30.38 -4.36 26.72
CA THR C 54 29.41 -4.82 25.72
C THR C 54 30.27 -5.07 24.51
N ILE C 55 30.71 -6.30 24.31
CA ILE C 55 31.68 -6.68 23.29
C ILE C 55 31.00 -7.33 22.14
N THR C 56 31.31 -6.84 20.95
CA THR C 56 30.89 -7.41 19.69
C THR C 56 32.09 -8.27 19.28
N ALA C 57 31.91 -9.58 19.34
CA ALA C 57 32.95 -10.54 18.97
C ALA C 57 32.36 -11.47 17.94
N GLY C 58 32.79 -11.29 16.70
CA GLY C 58 32.25 -12.04 15.58
C GLY C 58 30.80 -11.67 15.44
N SER C 59 29.92 -12.67 15.38
CA SER C 59 28.48 -12.46 15.24
C SER C 59 27.72 -12.42 16.60
N LYS C 60 28.44 -12.40 17.70
CA LYS C 60 27.88 -12.43 19.06
C LYS C 60 28.15 -11.13 19.81
N VAL C 61 27.17 -10.74 20.63
CA VAL C 61 27.32 -9.61 21.55
C VAL C 61 27.42 -10.23 22.96
N ILE C 62 28.53 -10.00 23.63
CA ILE C 62 28.80 -10.51 24.95
C ILE C 62 28.83 -9.37 25.94
N GLN C 63 28.03 -9.49 27.01
CA GLN C 63 27.98 -8.50 28.07
C GLN C 63 28.61 -9.08 29.31
N ASN C 64 29.64 -8.41 29.82
CA ASN C 64 30.30 -8.83 31.05
C ASN C 64 30.44 -7.66 32.00
N GLU C 65 30.20 -7.87 33.27
CA GLU C 65 30.41 -6.84 34.30
C GLU C 65 31.12 -7.38 35.51
N PHE C 66 32.06 -6.58 36.04
CA PHE C 66 32.92 -7.00 37.13
C PHE C 66 33.51 -5.80 37.83
N THR C 67 33.98 -6.03 39.06
CA THR C 67 34.76 -5.11 39.85
C THR C 67 36.17 -5.73 39.87
N VAL C 68 37.22 -4.93 39.59
CA VAL C 68 38.57 -5.50 39.57
C VAL C 68 38.94 -6.06 40.93
N GLY C 69 39.51 -7.25 40.95
CA GLY C 69 39.92 -7.88 42.21
C GLY C 69 38.83 -8.64 42.92
N GLU C 70 37.61 -8.65 42.38
CA GLU C 70 36.47 -9.39 42.95
C GLU C 70 36.05 -10.47 42.00
N GLU C 71 35.56 -11.58 42.55
CA GLU C 71 35.12 -12.73 41.78
C GLU C 71 33.98 -12.28 40.87
N CYS C 72 34.07 -12.64 39.60
CA CYS C 72 33.07 -12.31 38.60
C CYS C 72 32.74 -13.56 37.79
N GLU C 73 31.67 -13.47 37.02
CA GLU C 73 31.24 -14.54 36.14
C GLU C 73 31.27 -13.95 34.75
N LEU C 74 32.17 -14.44 33.91
CA LEU C 74 32.32 -13.97 32.54
C LEU C 74 31.69 -14.95 31.56
N GLU C 75 31.07 -14.41 30.54
CA GLU C 75 30.49 -15.21 29.46
C GLU C 75 31.54 -15.31 28.33
N THR C 76 31.70 -16.52 27.79
CA THR C 76 32.68 -16.76 26.74
C THR C 76 32.03 -16.89 25.39
N MET C 77 32.89 -17.00 24.41
CA MET C 77 32.53 -17.12 23.03
C MET C 77 31.68 -18.37 22.73
N THR C 78 31.83 -19.41 23.53
CA THR C 78 31.02 -20.63 23.34
C THR C 78 29.64 -20.54 24.07
N GLY C 79 29.43 -19.44 24.80
CA GLY C 79 28.22 -19.24 25.61
C GLY C 79 28.39 -19.75 27.03
N GLU C 80 29.59 -20.26 27.35
CA GLU C 80 29.89 -20.78 28.66
C GLU C 80 30.15 -19.64 29.64
N LYS C 81 29.65 -19.78 30.89
CA LYS C 81 29.89 -18.78 31.97
C LYS C 81 30.95 -19.33 32.92
N VAL C 82 32.04 -18.59 33.04
CA VAL C 82 33.23 -18.99 33.80
C VAL C 82 33.39 -18.04 34.97
N LYS C 83 33.67 -18.60 36.20
CA LYS C 83 33.95 -17.84 37.42
C LYS C 83 35.44 -17.54 37.45
N THR C 84 35.78 -16.24 37.52
CA THR C 84 37.17 -15.80 37.49
C THR C 84 37.31 -14.46 38.19
N VAL C 85 38.43 -13.76 37.97
CA VAL C 85 38.72 -12.44 38.49
C VAL C 85 39.39 -11.64 37.35
N VAL C 86 39.09 -10.35 37.28
CA VAL C 86 39.77 -9.47 36.34
C VAL C 86 40.66 -8.60 37.23
N GLN C 87 41.95 -8.47 36.88
CA GLN C 87 42.89 -7.66 37.64
C GLN C 87 43.44 -6.51 36.82
N LEU C 88 43.85 -5.43 37.48
CA LEU C 88 44.51 -4.31 36.83
C LEU C 88 46.02 -4.53 37.01
N GLU C 89 46.76 -4.41 35.90
CA GLU C 89 48.24 -4.52 35.85
C GLU C 89 48.71 -3.18 35.29
N GLY C 90 49.30 -2.36 36.14
CA GLY C 90 49.62 -0.97 35.80
C GLY C 90 48.31 -0.21 35.85
N ASP C 91 48.17 0.89 35.13
CA ASP C 91 46.89 1.60 35.15
C ASP C 91 46.07 1.33 33.87
N ASN C 92 46.73 0.84 32.81
CA ASN C 92 46.11 0.65 31.51
C ASN C 92 45.88 -0.80 31.03
N LYS C 93 46.06 -1.83 31.91
CA LYS C 93 45.86 -3.21 31.51
C LYS C 93 44.90 -3.94 32.38
N LEU C 94 43.95 -4.65 31.77
CA LEU C 94 43.00 -5.51 32.46
C LEU C 94 43.36 -6.92 32.04
N VAL C 95 43.61 -7.78 33.03
CA VAL C 95 44.04 -9.14 32.75
C VAL C 95 43.06 -10.09 33.39
N THR C 96 42.73 -11.17 32.69
CA THR C 96 41.88 -12.25 33.18
C THR C 96 42.23 -13.57 32.56
N THR C 97 41.78 -14.63 33.18
CA THR C 97 42.02 -16.00 32.77
C THR C 97 40.75 -16.78 32.93
N PHE C 98 40.62 -17.85 32.16
CA PHE C 98 39.51 -18.79 32.24
C PHE C 98 39.92 -19.94 31.38
N LYS C 99 39.64 -21.14 31.87
CA LYS C 99 40.00 -22.38 31.17
C LYS C 99 41.51 -22.34 30.88
N ASN C 100 41.92 -22.44 29.65
CA ASN C 100 43.34 -22.40 29.31
C ASN C 100 43.68 -21.11 28.57
N ILE C 101 42.77 -20.17 28.66
CA ILE C 101 42.86 -18.88 27.97
C ILE C 101 43.32 -17.76 28.93
N LYS C 102 44.24 -16.88 28.41
CA LYS C 102 44.77 -15.69 29.09
C LYS C 102 44.35 -14.45 28.25
N SER C 103 43.59 -13.50 28.84
CA SER C 103 43.12 -12.30 28.15
C SER C 103 43.77 -11.05 28.75
N VAL C 104 44.28 -10.17 27.87
CA VAL C 104 44.94 -8.90 28.27
C VAL C 104 44.30 -7.79 27.43
N THR C 105 43.64 -6.83 28.10
CA THR C 105 43.03 -5.65 27.46
C THR C 105 43.87 -4.44 27.85
N GLU C 106 44.52 -3.83 26.87
CA GLU C 106 45.43 -2.72 27.09
C GLU C 106 44.98 -1.47 26.35
N LEU C 107 44.91 -0.33 27.06
CA LEU C 107 44.53 0.93 26.46
C LEU C 107 45.74 1.84 26.33
N ASN C 108 45.95 2.39 25.14
CA ASN C 108 47.04 3.34 24.85
C ASN C 108 46.40 4.47 24.07
N GLY C 109 46.02 5.53 24.81
CA GLY C 109 45.35 6.72 24.26
C GLY C 109 43.96 6.36 23.74
N ASP C 110 43.80 6.28 22.43
CA ASP C 110 42.53 5.94 21.80
C ASP C 110 42.49 4.49 21.28
N ILE C 111 43.61 3.76 21.38
CA ILE C 111 43.76 2.39 20.88
C ILE C 111 43.68 1.38 21.98
N ILE C 112 42.76 0.43 21.82
CA ILE C 112 42.60 -0.67 22.74
C ILE C 112 43.11 -1.95 22.04
N THR C 113 44.03 -2.65 22.69
CA THR C 113 44.59 -3.91 22.20
C THR C 113 44.08 -5.02 23.10
N ASN C 114 43.33 -5.97 22.54
CA ASN C 114 42.87 -7.15 23.26
C ASN C 114 43.68 -8.37 22.75
N THR C 115 44.44 -9.00 23.64
CA THR C 115 45.25 -10.17 23.34
C THR C 115 44.76 -11.39 24.09
N MET C 116 44.30 -12.40 23.34
CA MET C 116 43.86 -13.67 23.90
C MET C 116 44.82 -14.75 23.48
N THR C 117 45.36 -15.48 24.47
CA THR C 117 46.31 -16.54 24.25
C THR C 117 45.74 -17.90 24.67
N LEU C 118 45.79 -18.87 23.76
CA LEU C 118 45.36 -20.26 23.98
C LEU C 118 46.39 -21.14 23.33
N GLY C 119 47.20 -21.82 24.15
CA GLY C 119 48.31 -22.61 23.64
C GLY C 119 49.31 -21.66 23.01
N ASP C 120 49.67 -21.90 21.76
CA ASP C 120 50.56 -20.97 21.03
C ASP C 120 49.77 -19.99 20.13
N ILE C 121 48.42 -19.99 20.25
CA ILE C 121 47.57 -19.09 19.46
C ILE C 121 47.47 -17.75 20.17
N VAL C 122 47.84 -16.68 19.48
CA VAL C 122 47.74 -15.30 20.00
C VAL C 122 46.71 -14.60 19.14
N PHE C 123 45.51 -14.45 19.67
CA PHE C 123 44.35 -13.83 19.06
C PHE C 123 44.41 -12.38 19.48
N LYS C 124 44.74 -11.49 18.55
CA LYS C 124 44.93 -10.07 18.85
C LYS C 124 43.93 -9.20 18.10
N ARG C 125 43.22 -8.34 18.83
CA ARG C 125 42.24 -7.40 18.33
C ARG C 125 42.68 -5.98 18.59
N ILE C 126 42.63 -5.11 17.57
CA ILE C 126 42.98 -3.71 17.72
C ILE C 126 41.75 -2.88 17.41
N SER C 127 41.34 -2.07 18.39
CA SER C 127 40.17 -1.21 18.27
C SER C 127 40.49 0.21 18.55
N LYS C 128 39.72 1.13 17.96
CA LYS C 128 39.96 2.56 18.11
C LYS C 128 38.72 3.21 18.67
N ARG C 129 38.90 4.11 19.65
CA ARG C 129 37.80 4.85 20.24
C ARG C 129 37.09 5.66 19.12
N ILE C 130 35.75 5.71 19.15
CA ILE C 130 34.92 6.43 18.19
C ILE C 130 34.05 7.45 18.90
N GLY D 1 -38.50 -27.23 -8.88
CA GLY D 1 -38.88 -28.14 -9.94
C GLY D 1 -39.62 -27.56 -11.12
N SER D 2 -40.04 -26.28 -11.03
CA SER D 2 -40.75 -25.50 -12.06
C SER D 2 -40.04 -25.67 -13.41
N HIS D 3 -38.70 -25.42 -13.45
CA HIS D 3 -37.81 -25.60 -14.60
C HIS D 3 -36.50 -26.31 -14.18
N MET D 4 -35.66 -26.60 -15.16
CA MET D 4 -34.37 -27.25 -15.01
C MET D 4 -33.41 -26.33 -14.22
N SER D 5 -32.76 -26.87 -13.19
CA SER D 5 -31.81 -26.15 -12.36
C SER D 5 -30.35 -26.61 -12.47
N PHE D 6 -29.43 -25.66 -12.69
CA PHE D 6 -27.98 -25.90 -12.75
C PHE D 6 -27.36 -25.80 -11.37
N SER D 7 -28.11 -25.25 -10.39
CA SER D 7 -27.64 -25.04 -9.01
C SER D 7 -26.97 -26.26 -8.42
N GLY D 8 -25.86 -26.02 -7.75
CA GLY D 8 -25.12 -27.06 -7.02
C GLY D 8 -23.66 -26.75 -6.86
N LYS D 9 -22.97 -27.59 -6.08
CA LYS D 9 -21.52 -27.57 -5.85
C LYS D 9 -21.00 -28.78 -6.59
N TYR D 10 -20.00 -28.57 -7.45
CA TYR D 10 -19.45 -29.61 -8.33
C TYR D 10 -17.93 -29.77 -8.15
N GLN D 11 -17.43 -31.00 -7.82
CA GLN D 11 -16.00 -31.21 -7.72
C GLN D 11 -15.48 -31.71 -9.05
N LEU D 12 -14.41 -31.07 -9.53
CA LEU D 12 -13.77 -31.46 -10.77
C LEU D 12 -13.28 -32.94 -10.69
N GLN D 13 -13.65 -33.78 -11.66
CA GLN D 13 -13.29 -35.19 -11.74
C GLN D 13 -12.10 -35.37 -12.68
N SER D 14 -12.16 -34.76 -13.87
CA SER D 14 -11.07 -34.83 -14.84
C SER D 14 -11.16 -33.69 -15.80
N GLN D 15 -10.06 -33.42 -16.51
CA GLN D 15 -9.99 -32.40 -17.53
C GLN D 15 -8.98 -32.75 -18.59
N GLU D 16 -9.25 -32.31 -19.82
CA GLU D 16 -8.40 -32.54 -20.97
C GLU D 16 -7.96 -31.20 -21.51
N ASN D 17 -6.70 -31.13 -21.94
CA ASN D 17 -6.09 -29.96 -22.59
C ASN D 17 -6.00 -28.67 -21.78
N PHE D 18 -5.87 -28.79 -20.44
CA PHE D 18 -5.70 -27.65 -19.57
C PHE D 18 -4.46 -26.85 -19.96
N GLU D 19 -3.32 -27.55 -20.10
CA GLU D 19 -2.03 -26.92 -20.44
C GLU D 19 -2.02 -26.27 -21.80
N ALA D 20 -2.55 -26.98 -22.82
CA ALA D 20 -2.57 -26.45 -24.19
C ALA D 20 -3.46 -25.19 -24.25
N PHE D 21 -4.64 -25.24 -23.57
CA PHE D 21 -5.57 -24.12 -23.53
C PHE D 21 -4.97 -22.91 -22.83
N MET D 22 -4.45 -23.12 -21.61
CA MET D 22 -3.83 -22.06 -20.79
C MET D 22 -2.63 -21.42 -21.49
N LYS D 23 -1.83 -22.23 -22.22
CA LYS D 23 -0.71 -21.73 -23.03
C LYS D 23 -1.25 -20.85 -24.16
N ALA D 24 -2.30 -21.31 -24.86
CA ALA D 24 -2.94 -20.60 -25.97
C ALA D 24 -3.58 -19.26 -25.58
N ILE D 25 -4.09 -19.14 -24.33
CA ILE D 25 -4.66 -17.89 -23.82
C ILE D 25 -3.56 -16.96 -23.20
N GLY D 26 -2.32 -17.43 -23.16
CA GLY D 26 -1.19 -16.68 -22.65
C GLY D 26 -1.10 -16.59 -21.13
N LEU D 27 -1.57 -17.63 -20.42
CA LEU D 27 -1.44 -17.68 -18.96
C LEU D 27 0.07 -17.98 -18.65
N PRO D 28 0.70 -17.31 -17.66
CA PRO D 28 2.12 -17.59 -17.38
C PRO D 28 2.34 -19.06 -17.02
N GLU D 29 3.45 -19.63 -17.50
CA GLU D 29 3.88 -21.02 -17.28
C GLU D 29 3.82 -21.44 -15.81
N GLU D 30 4.24 -20.55 -14.89
CA GLU D 30 4.23 -20.78 -13.44
C GLU D 30 2.82 -21.16 -12.97
N LEU D 31 1.79 -20.38 -13.39
CA LEU D 31 0.40 -20.62 -13.05
C LEU D 31 -0.14 -21.88 -13.69
N ILE D 32 0.35 -22.24 -14.90
CA ILE D 32 -0.08 -23.44 -15.61
C ILE D 32 0.36 -24.69 -14.87
N GLN D 33 1.63 -24.73 -14.46
CA GLN D 33 2.20 -25.85 -13.72
C GLN D 33 1.58 -26.04 -12.35
N LYS D 34 1.32 -24.92 -11.64
CA LYS D 34 0.69 -24.90 -10.31
C LYS D 34 -0.75 -25.36 -10.40
N GLY D 35 -1.48 -24.88 -11.42
CA GLY D 35 -2.91 -25.13 -11.57
C GLY D 35 -3.36 -26.42 -12.22
N LYS D 36 -2.53 -27.01 -13.09
CA LYS D 36 -2.86 -28.21 -13.87
C LYS D 36 -3.44 -29.42 -13.15
N ASP D 37 -3.00 -29.72 -11.93
CA ASP D 37 -3.46 -30.90 -11.21
C ASP D 37 -4.46 -30.61 -10.09
N ILE D 38 -4.86 -29.34 -9.93
CA ILE D 38 -5.82 -28.94 -8.92
C ILE D 38 -7.23 -29.36 -9.36
N LYS D 39 -7.93 -30.08 -8.47
CA LYS D 39 -9.27 -30.54 -8.69
C LYS D 39 -10.12 -29.97 -7.56
N GLY D 40 -10.69 -28.81 -7.80
CA GLY D 40 -11.47 -28.12 -6.79
C GLY D 40 -12.98 -28.26 -6.91
N VAL D 41 -13.69 -27.36 -6.23
CA VAL D 41 -15.16 -27.32 -6.21
C VAL D 41 -15.62 -26.00 -6.80
N SER D 42 -16.51 -26.07 -7.77
CA SER D 42 -17.13 -24.91 -8.43
C SER D 42 -18.60 -24.88 -7.99
N GLU D 43 -19.15 -23.70 -7.78
CA GLU D 43 -20.54 -23.57 -7.39
C GLU D 43 -21.36 -22.74 -8.39
N ILE D 44 -22.63 -23.18 -8.62
CA ILE D 44 -23.60 -22.45 -9.45
C ILE D 44 -24.78 -22.16 -8.54
N VAL D 45 -25.25 -20.91 -8.57
CA VAL D 45 -26.48 -20.47 -7.90
C VAL D 45 -27.32 -19.97 -9.04
N GLN D 46 -28.42 -20.67 -9.35
CA GLN D 46 -29.35 -20.25 -10.39
C GLN D 46 -30.68 -19.84 -9.80
N ASN D 47 -31.20 -18.71 -10.25
CA ASN D 47 -32.51 -18.16 -9.88
C ASN D 47 -33.15 -17.70 -11.17
N GLY D 48 -34.00 -18.55 -11.76
CA GLY D 48 -34.62 -18.28 -13.04
C GLY D 48 -33.59 -18.21 -14.15
N LYS D 49 -33.48 -17.03 -14.77
CA LYS D 49 -32.56 -16.76 -15.89
C LYS D 49 -31.23 -16.22 -15.37
N HIS D 50 -31.19 -15.91 -14.06
CA HIS D 50 -30.00 -15.37 -13.42
C HIS D 50 -29.09 -16.45 -12.86
N PHE D 51 -27.77 -16.32 -13.11
CA PHE D 51 -26.77 -17.27 -12.67
C PHE D 51 -25.60 -16.59 -12.03
N LYS D 52 -25.07 -17.18 -10.95
CA LYS D 52 -23.87 -16.74 -10.25
C LYS D 52 -22.97 -17.98 -10.15
N PHE D 53 -21.81 -17.90 -10.77
CA PHE D 53 -20.82 -18.96 -10.88
C PHE D 53 -19.63 -18.63 -10.00
N THR D 54 -19.14 -19.60 -9.22
CA THR D 54 -17.91 -19.47 -8.43
C THR D 54 -17.07 -20.62 -8.95
N ILE D 55 -16.23 -20.35 -9.92
CA ILE D 55 -15.43 -21.35 -10.61
C ILE D 55 -14.02 -21.45 -10.08
N THR D 56 -13.60 -22.67 -9.74
CA THR D 56 -12.23 -22.99 -9.37
C THR D 56 -11.60 -23.48 -10.65
N ALA D 57 -10.74 -22.68 -11.25
CA ALA D 57 -10.03 -23.00 -12.49
C ALA D 57 -8.54 -22.88 -12.22
N GLY D 58 -7.87 -24.02 -12.16
CA GLY D 58 -6.47 -24.07 -11.80
C GLY D 58 -6.26 -23.52 -10.40
N SER D 59 -5.37 -22.56 -10.25
CA SER D 59 -5.09 -21.97 -8.96
C SER D 59 -5.98 -20.73 -8.60
N LYS D 60 -6.91 -20.36 -9.50
CA LYS D 60 -7.77 -19.18 -9.40
C LYS D 60 -9.23 -19.52 -9.11
N VAL D 61 -9.90 -18.66 -8.34
CA VAL D 61 -11.32 -18.72 -8.08
C VAL D 61 -11.91 -17.51 -8.78
N ILE D 62 -12.80 -17.74 -9.76
CA ILE D 62 -13.40 -16.66 -10.57
C ILE D 62 -14.88 -16.64 -10.33
N GLN D 63 -15.39 -15.45 -10.04
CA GLN D 63 -16.82 -15.23 -9.82
C GLN D 63 -17.43 -14.45 -10.95
N ASN D 64 -18.42 -15.03 -11.61
CA ASN D 64 -19.13 -14.39 -12.72
C ASN D 64 -20.62 -14.48 -12.51
N GLU D 65 -21.32 -13.45 -12.90
CA GLU D 65 -22.77 -13.43 -12.85
C GLU D 65 -23.40 -12.81 -14.06
N PHE D 66 -24.51 -13.40 -14.52
CA PHE D 66 -25.20 -12.99 -15.72
C PHE D 66 -26.65 -13.44 -15.72
N THR D 67 -27.46 -12.80 -16.58
CA THR D 67 -28.84 -13.17 -16.87
C THR D 67 -28.77 -13.69 -18.32
N VAL D 68 -29.33 -14.86 -18.58
CA VAL D 68 -29.31 -15.42 -19.95
C VAL D 68 -30.04 -14.50 -20.93
N GLY D 69 -29.43 -14.25 -22.07
CA GLY D 69 -29.99 -13.39 -23.10
C GLY D 69 -29.69 -11.92 -22.90
N GLU D 70 -29.03 -11.55 -21.79
CA GLU D 70 -28.67 -10.17 -21.53
C GLU D 70 -27.17 -9.99 -21.57
N GLU D 71 -26.73 -8.79 -21.96
CA GLU D 71 -25.30 -8.47 -22.01
C GLU D 71 -24.71 -8.60 -20.61
N CYS D 72 -23.58 -9.27 -20.51
CA CYS D 72 -22.87 -9.45 -19.25
C CYS D 72 -21.40 -9.15 -19.45
N GLU D 73 -20.69 -8.98 -18.34
CA GLU D 73 -19.25 -8.78 -18.34
C GLU D 73 -18.65 -9.95 -17.58
N LEU D 74 -17.93 -10.82 -18.31
CA LEU D 74 -17.32 -12.00 -17.71
C LEU D 74 -15.83 -11.76 -17.42
N GLU D 75 -15.35 -12.24 -16.27
CA GLU D 75 -13.94 -12.18 -15.91
C GLU D 75 -13.29 -13.44 -16.42
N THR D 76 -12.21 -13.23 -17.16
CA THR D 76 -11.49 -14.33 -17.78
C THR D 76 -10.37 -14.83 -16.93
N MET D 77 -9.79 -15.96 -17.35
CA MET D 77 -8.68 -16.62 -16.68
C MET D 77 -7.45 -15.70 -16.60
N THR D 78 -7.28 -14.82 -17.61
CA THR D 78 -6.18 -13.85 -17.66
C THR D 78 -6.47 -12.61 -16.80
N GLY D 79 -7.68 -12.52 -16.26
CA GLY D 79 -8.12 -11.42 -15.40
C GLY D 79 -8.86 -10.33 -16.14
N GLU D 80 -8.82 -10.40 -17.46
CA GLU D 80 -9.45 -9.49 -18.40
C GLU D 80 -10.98 -9.64 -18.30
N LYS D 81 -11.70 -8.51 -18.31
CA LYS D 81 -13.17 -8.56 -18.29
C LYS D 81 -13.69 -8.33 -19.72
N VAL D 82 -14.53 -9.26 -20.20
CA VAL D 82 -15.08 -9.23 -21.56
C VAL D 82 -16.57 -9.11 -21.57
N LYS D 83 -17.10 -8.30 -22.50
CA LYS D 83 -18.53 -8.09 -22.68
C LYS D 83 -19.06 -9.15 -23.65
N THR D 84 -20.05 -9.92 -23.21
CA THR D 84 -20.66 -10.97 -24.03
C THR D 84 -22.10 -11.23 -23.61
N VAL D 85 -22.70 -12.32 -24.12
CA VAL D 85 -24.04 -12.81 -23.77
C VAL D 85 -23.96 -14.33 -23.55
N VAL D 86 -24.65 -14.84 -22.54
CA VAL D 86 -24.74 -16.27 -22.32
C VAL D 86 -26.16 -16.66 -22.72
N GLN D 87 -26.29 -17.76 -23.47
CA GLN D 87 -27.59 -18.22 -23.93
C GLN D 87 -27.89 -19.62 -23.49
N LEU D 88 -29.17 -19.97 -23.40
CA LEU D 88 -29.61 -21.33 -23.13
C LEU D 88 -29.86 -22.01 -24.47
N GLU D 89 -29.30 -23.21 -24.68
CA GLU D 89 -29.44 -24.05 -25.88
C GLU D 89 -30.01 -25.35 -25.35
N GLY D 90 -31.25 -25.62 -25.70
CA GLY D 90 -31.99 -26.74 -25.12
C GLY D 90 -32.32 -26.32 -23.70
N ASP D 91 -32.54 -27.31 -22.82
CA ASP D 91 -32.80 -26.97 -21.42
C ASP D 91 -31.57 -27.13 -20.53
N ASN D 92 -30.60 -27.94 -20.99
CA ASN D 92 -29.40 -28.27 -20.19
C ASN D 92 -28.04 -27.69 -20.62
N LYS D 93 -28.01 -26.74 -21.60
CA LYS D 93 -26.75 -26.13 -22.05
C LYS D 93 -26.73 -24.62 -21.95
N LEU D 94 -25.61 -24.07 -21.48
CA LEU D 94 -25.33 -22.64 -21.42
C LEU D 94 -24.21 -22.45 -22.41
N VAL D 95 -24.41 -21.54 -23.37
CA VAL D 95 -23.44 -21.30 -24.43
C VAL D 95 -23.06 -19.80 -24.46
N THR D 96 -21.77 -19.53 -24.66
CA THR D 96 -21.24 -18.18 -24.79
C THR D 96 -19.99 -18.17 -25.65
N THR D 97 -19.60 -16.97 -26.10
CA THR D 97 -18.39 -16.73 -26.88
C THR D 97 -17.68 -15.50 -26.37
N PHE D 98 -16.34 -15.43 -26.58
CA PHE D 98 -15.44 -14.32 -26.26
C PHE D 98 -14.05 -14.68 -26.74
N LYS D 99 -13.21 -13.67 -27.10
CA LYS D 99 -11.80 -13.81 -27.55
C LYS D 99 -11.50 -14.94 -28.56
N ASN D 100 -12.50 -15.37 -29.35
CA ASN D 100 -12.44 -16.51 -30.27
C ASN D 100 -12.62 -17.86 -29.56
N ILE D 101 -13.08 -17.82 -28.31
CA ILE D 101 -13.34 -19.01 -27.48
C ILE D 101 -14.83 -19.23 -27.46
N LYS D 102 -15.28 -20.48 -27.71
CA LYS D 102 -16.67 -20.93 -27.62
C LYS D 102 -16.78 -21.78 -26.33
N SER D 103 -17.65 -21.35 -25.38
CA SER D 103 -17.85 -22.06 -24.12
C SER D 103 -19.24 -22.70 -24.06
N VAL D 104 -19.30 -24.00 -23.70
CA VAL D 104 -20.51 -24.80 -23.59
C VAL D 104 -20.51 -25.49 -22.23
N THR D 105 -21.50 -25.14 -21.36
CA THR D 105 -21.69 -25.74 -20.04
C THR D 105 -22.92 -26.65 -20.15
N GLU D 106 -22.73 -27.94 -19.97
CA GLU D 106 -23.81 -28.92 -20.10
C GLU D 106 -24.01 -29.75 -18.81
N LEU D 107 -25.27 -29.85 -18.35
CA LEU D 107 -25.59 -30.63 -17.17
C LEU D 107 -26.37 -31.89 -17.57
N ASN D 108 -25.91 -33.04 -17.10
CA ASN D 108 -26.55 -34.33 -17.34
C ASN D 108 -26.62 -35.04 -16.00
N GLY D 109 -27.76 -34.89 -15.33
CA GLY D 109 -28.00 -35.44 -14.00
C GLY D 109 -27.13 -34.77 -12.95
N ASP D 110 -26.09 -35.49 -12.51
CA ASP D 110 -25.14 -35.02 -11.51
C ASP D 110 -23.80 -34.60 -12.12
N ILE D 111 -23.61 -34.82 -13.43
CA ILE D 111 -22.38 -34.53 -14.16
C ILE D 111 -22.48 -33.24 -14.97
N ILE D 112 -21.56 -32.34 -14.69
CA ILE D 112 -21.47 -31.09 -15.43
C ILE D 112 -20.24 -31.13 -16.32
N THR D 113 -20.42 -30.83 -17.61
CA THR D 113 -19.35 -30.82 -18.60
C THR D 113 -19.15 -29.37 -19.06
N ASN D 114 -17.94 -28.85 -18.94
CA ASN D 114 -17.62 -27.53 -19.48
C ASN D 114 -16.61 -27.73 -20.63
N THR D 115 -16.98 -27.29 -21.83
CA THR D 115 -16.16 -27.40 -23.03
C THR D 115 -15.81 -26.02 -23.56
N MET D 116 -14.51 -25.70 -23.63
CA MET D 116 -14.01 -24.43 -24.13
C MET D 116 -13.14 -24.72 -25.36
N THR D 117 -13.61 -24.26 -26.54
CA THR D 117 -12.94 -24.46 -27.81
C THR D 117 -12.28 -23.17 -28.27
N LEU D 118 -10.96 -23.21 -28.48
CA LEU D 118 -10.16 -22.09 -28.97
C LEU D 118 -9.30 -22.66 -30.11
N GLY D 119 -9.64 -22.30 -31.34
CA GLY D 119 -9.00 -22.83 -32.54
C GLY D 119 -9.33 -24.31 -32.61
N ASP D 120 -8.30 -25.14 -32.63
CA ASP D 120 -8.45 -26.59 -32.65
C ASP D 120 -8.37 -27.21 -31.25
N ILE D 121 -8.16 -26.37 -30.21
CA ILE D 121 -8.01 -26.84 -28.83
C ILE D 121 -9.35 -26.98 -28.15
N VAL D 122 -9.66 -28.20 -27.68
CA VAL D 122 -10.89 -28.48 -26.95
C VAL D 122 -10.51 -28.74 -25.49
N PHE D 123 -10.72 -27.74 -24.63
CA PHE D 123 -10.47 -27.79 -23.20
C PHE D 123 -11.77 -28.27 -22.53
N LYS D 124 -11.77 -29.50 -22.02
CA LYS D 124 -12.99 -30.09 -21.44
C LYS D 124 -12.77 -30.41 -19.98
N ARG D 125 -13.77 -30.06 -19.16
CA ARG D 125 -13.80 -30.28 -17.71
C ARG D 125 -15.03 -31.10 -17.36
N ILE D 126 -14.87 -32.13 -16.52
CA ILE D 126 -15.96 -32.98 -16.07
C ILE D 126 -16.03 -32.92 -14.58
N SER D 127 -17.20 -32.57 -14.07
CA SER D 127 -17.37 -32.45 -12.62
C SER D 127 -18.59 -33.16 -12.13
N LYS D 128 -18.61 -33.47 -10.85
CA LYS D 128 -19.71 -34.20 -10.26
C LYS D 128 -20.27 -33.44 -9.06
N ARG D 129 -21.59 -33.39 -8.95
CA ARG D 129 -22.32 -32.78 -7.83
C ARG D 129 -21.86 -33.42 -6.50
N ILE D 130 -21.62 -32.59 -5.49
CA ILE D 130 -21.21 -33.01 -4.15
C ILE D 130 -22.20 -32.54 -3.06
N MET E 4 -37.99 22.32 4.38
CA MET E 4 -37.52 21.61 5.58
C MET E 4 -36.10 22.04 6.04
N SER E 5 -35.90 22.15 7.39
CA SER E 5 -34.63 22.48 8.06
C SER E 5 -33.78 21.21 8.24
N PHE E 6 -32.48 21.31 7.91
CA PHE E 6 -31.53 20.20 8.05
C PHE E 6 -30.98 20.12 9.49
N SER E 7 -31.19 21.17 10.31
CA SER E 7 -30.71 21.24 11.68
C SER E 7 -31.00 19.99 12.50
N GLY E 8 -30.00 19.55 13.27
CA GLY E 8 -30.12 18.41 14.16
C GLY E 8 -28.84 17.66 14.40
N LYS E 9 -28.91 16.71 15.32
CA LYS E 9 -27.82 15.80 15.67
C LYS E 9 -28.26 14.44 15.11
N TYR E 10 -27.39 13.82 14.33
CA TYR E 10 -27.68 12.56 13.62
C TYR E 10 -26.67 11.47 13.96
N GLN E 11 -27.18 10.37 14.49
CA GLN E 11 -26.42 9.21 14.90
C GLN E 11 -26.27 8.29 13.70
N LEU E 12 -25.00 7.88 13.37
CA LEU E 12 -24.76 6.98 12.24
C LEU E 12 -25.39 5.62 12.55
N GLN E 13 -26.22 5.11 11.60
CA GLN E 13 -26.91 3.82 11.74
C GLN E 13 -26.13 2.74 10.99
N SER E 14 -25.77 3.02 9.74
CA SER E 14 -25.01 2.09 8.91
C SER E 14 -24.31 2.84 7.79
N GLN E 15 -23.31 2.19 7.23
CA GLN E 15 -22.53 2.76 6.13
C GLN E 15 -22.01 1.66 5.24
N GLU E 16 -21.87 1.99 3.95
CA GLU E 16 -21.37 1.08 2.95
C GLU E 16 -20.14 1.72 2.35
N ASN E 17 -19.13 0.90 2.06
CA ASN E 17 -17.88 1.25 1.38
C ASN E 17 -16.99 2.25 2.06
N PHE E 18 -16.98 2.27 3.38
CA PHE E 18 -16.11 3.16 4.14
C PHE E 18 -14.63 2.90 3.78
N GLU E 19 -14.21 1.63 3.85
CA GLU E 19 -12.82 1.24 3.59
C GLU E 19 -12.41 1.49 2.14
N ALA E 20 -13.27 1.15 1.19
CA ALA E 20 -12.94 1.33 -0.22
C ALA E 20 -12.81 2.82 -0.54
N PHE E 21 -13.71 3.64 -0.01
CA PHE E 21 -13.70 5.08 -0.21
C PHE E 21 -12.44 5.71 0.39
N MET E 22 -12.19 5.43 1.69
CA MET E 22 -11.00 5.93 2.42
C MET E 22 -9.68 5.51 1.76
N LYS E 23 -9.62 4.29 1.21
CA LYS E 23 -8.44 3.80 0.48
C LYS E 23 -8.28 4.63 -0.84
N ALA E 24 -9.40 4.83 -1.56
CA ALA E 24 -9.44 5.58 -2.82
C ALA E 24 -9.00 7.05 -2.66
N ILE E 25 -9.32 7.68 -1.50
CA ILE E 25 -8.91 9.07 -1.19
C ILE E 25 -7.49 9.16 -0.59
N GLY E 26 -6.84 8.02 -0.35
CA GLY E 26 -5.49 7.97 0.16
C GLY E 26 -5.35 8.23 1.65
N LEU E 27 -6.38 7.87 2.45
CA LEU E 27 -6.29 7.98 3.89
C LEU E 27 -5.31 6.88 4.38
N PRO E 28 -4.42 7.17 5.35
CA PRO E 28 -3.49 6.11 5.81
C PRO E 28 -4.27 4.93 6.37
N GLU E 29 -3.81 3.72 6.06
CA GLU E 29 -4.39 2.43 6.47
C GLU E 29 -4.72 2.39 7.96
N GLU E 30 -3.82 2.94 8.81
CA GLU E 30 -3.95 2.97 10.27
C GLU E 30 -5.23 3.70 10.66
N LEU E 31 -5.51 4.86 10.03
CA LEU E 31 -6.73 5.63 10.27
C LEU E 31 -8.00 4.92 9.73
N ILE E 32 -7.86 4.15 8.65
CA ILE E 32 -8.99 3.41 8.06
C ILE E 32 -9.47 2.32 9.02
N GLN E 33 -8.53 1.56 9.56
CA GLN E 33 -8.79 0.47 10.49
C GLN E 33 -9.34 0.96 11.83
N LYS E 34 -8.78 2.07 12.32
CA LYS E 34 -9.23 2.71 13.57
C LYS E 34 -10.65 3.25 13.43
N GLY E 35 -10.95 3.87 12.29
CA GLY E 35 -12.23 4.53 12.09
C GLY E 35 -13.41 3.75 11.58
N LYS E 36 -13.16 2.61 10.92
CA LYS E 36 -14.20 1.85 10.24
C LYS E 36 -15.46 1.43 11.03
N ASP E 37 -15.32 1.12 12.33
CA ASP E 37 -16.46 0.65 13.12
C ASP E 37 -17.07 1.68 14.07
N ILE E 38 -16.50 2.90 14.07
CA ILE E 38 -17.01 4.01 14.87
C ILE E 38 -18.36 4.48 14.26
N LYS E 39 -19.40 4.57 15.10
CA LYS E 39 -20.72 5.07 14.75
C LYS E 39 -21.01 6.26 15.66
N GLY E 40 -20.59 7.45 15.20
CA GLY E 40 -20.73 8.67 15.97
C GLY E 40 -21.94 9.51 15.61
N VAL E 41 -21.92 10.76 16.09
CA VAL E 41 -22.99 11.74 15.91
C VAL E 41 -22.43 12.93 15.15
N SER E 42 -23.11 13.30 14.08
CA SER E 42 -22.77 14.46 13.25
C SER E 42 -23.85 15.51 13.50
N GLU E 43 -23.45 16.79 13.52
CA GLU E 43 -24.39 17.85 13.76
C GLU E 43 -24.46 18.85 12.59
N ILE E 44 -25.68 19.31 12.26
CA ILE E 44 -25.93 20.35 11.29
C ILE E 44 -26.64 21.49 12.04
N VAL E 45 -26.19 22.72 11.77
CA VAL E 45 -26.81 23.95 12.26
C VAL E 45 -27.10 24.71 10.98
N GLN E 46 -28.38 24.90 10.68
CA GLN E 46 -28.81 25.65 9.51
C GLN E 46 -29.52 26.93 9.94
N ASN E 47 -29.15 28.05 9.29
CA ASN E 47 -29.75 29.37 9.47
C ASN E 47 -29.96 29.93 8.05
N GLY E 48 -31.15 29.72 7.50
CA GLY E 48 -31.47 30.09 6.13
C GLY E 48 -30.64 29.32 5.13
N LYS E 49 -29.79 30.03 4.36
CA LYS E 49 -28.89 29.48 3.33
C LYS E 49 -27.54 29.10 3.92
N HIS E 50 -27.30 29.47 5.18
CA HIS E 50 -26.04 29.22 5.87
C HIS E 50 -26.09 27.93 6.66
N PHE E 51 -25.04 27.11 6.50
CA PHE E 51 -24.90 25.81 7.14
C PHE E 51 -23.56 25.64 7.83
N LYS E 52 -23.58 25.00 9.00
CA LYS E 52 -22.38 24.64 9.74
C LYS E 52 -22.54 23.15 10.07
N PHE E 53 -21.63 22.35 9.52
CA PHE E 53 -21.57 20.91 9.69
C PHE E 53 -20.45 20.53 10.63
N THR E 54 -20.72 19.64 11.60
CA THR E 54 -19.71 19.06 12.48
C THR E 54 -19.83 17.55 12.22
N ILE E 55 -18.99 17.05 11.34
CA ILE E 55 -19.05 15.64 10.88
C ILE E 55 -18.07 14.74 11.60
N THR E 56 -18.57 13.65 12.19
CA THR E 56 -17.75 12.60 12.82
C THR E 56 -17.64 11.54 11.72
N ALA E 57 -16.45 11.42 11.12
CA ALA E 57 -16.21 10.49 10.01
C ALA E 57 -15.02 9.68 10.41
N GLY E 58 -15.28 8.44 10.80
CA GLY E 58 -14.25 7.55 11.30
C GLY E 58 -13.63 8.14 12.54
N SER E 59 -12.31 8.29 12.52
CA SER E 59 -11.59 8.83 13.68
C SER E 59 -11.31 10.34 13.57
N LYS E 60 -11.97 11.04 12.61
CA LYS E 60 -11.82 12.47 12.41
C LYS E 60 -13.12 13.22 12.64
N VAL E 61 -13.01 14.46 13.14
CA VAL E 61 -14.13 15.39 13.25
C VAL E 61 -13.80 16.52 12.27
N ILE E 62 -14.69 16.76 11.31
CA ILE E 62 -14.50 17.82 10.31
C ILE E 62 -15.58 18.86 10.45
N GLN E 63 -15.18 20.13 10.49
CA GLN E 63 -16.10 21.25 10.56
C GLN E 63 -16.06 22.01 9.25
N ASN E 64 -17.22 22.13 8.63
CA ASN E 64 -17.35 22.87 7.38
C ASN E 64 -18.51 23.82 7.48
N GLU E 65 -18.29 25.01 6.96
CA GLU E 65 -19.35 25.98 6.89
C GLU E 65 -19.41 26.68 5.56
N PHE E 66 -20.63 26.91 5.11
CA PHE E 66 -20.88 27.47 3.79
C PHE E 66 -22.27 28.09 3.73
N THR E 67 -22.44 28.98 2.75
CA THR E 67 -23.70 29.56 2.36
C THR E 67 -23.99 28.92 1.00
N VAL E 68 -25.19 28.35 0.82
CA VAL E 68 -25.52 27.71 -0.46
C VAL E 68 -25.41 28.72 -1.60
N GLY E 69 -24.69 28.31 -2.63
CA GLY E 69 -24.45 29.09 -3.82
C GLY E 69 -23.16 29.87 -3.77
N GLU E 70 -22.66 30.15 -2.60
CA GLU E 70 -21.46 30.94 -2.48
C GLU E 70 -20.26 30.07 -2.43
N GLU E 71 -19.13 30.56 -2.96
CA GLU E 71 -17.86 29.85 -2.97
C GLU E 71 -17.46 29.62 -1.52
N CYS E 72 -17.12 28.38 -1.20
CA CYS E 72 -16.71 27.98 0.14
C CYS E 72 -15.41 27.21 0.03
N GLU E 73 -14.77 27.04 1.17
CA GLU E 73 -13.57 26.25 1.27
C GLU E 73 -13.92 25.10 2.22
N LEU E 74 -13.99 23.88 1.66
CA LEU E 74 -14.32 22.66 2.41
C LEU E 74 -13.07 21.92 2.79
N GLU E 75 -13.07 21.41 4.02
CA GLU E 75 -11.98 20.59 4.52
C GLU E 75 -12.32 19.14 4.20
N THR E 76 -11.38 18.45 3.56
CA THR E 76 -11.58 17.07 3.14
C THR E 76 -11.08 16.14 4.22
N MET E 77 -11.35 14.86 4.05
CA MET E 77 -10.95 13.83 4.98
C MET E 77 -9.42 13.76 5.12
N THR E 78 -8.68 14.09 4.04
CA THR E 78 -7.22 14.10 4.04
C THR E 78 -6.61 15.35 4.72
N GLY E 79 -7.46 16.29 5.11
CA GLY E 79 -7.03 17.51 5.77
C GLY E 79 -6.79 18.67 4.82
N GLU E 80 -6.87 18.38 3.52
CA GLU E 80 -6.72 19.32 2.40
C GLU E 80 -7.97 20.22 2.32
N LYS E 81 -7.79 21.51 2.08
CA LYS E 81 -8.90 22.43 1.93
C LYS E 81 -9.13 22.71 0.44
N VAL E 82 -10.37 22.53 -0.01
CA VAL E 82 -10.73 22.69 -1.42
C VAL E 82 -11.78 23.75 -1.61
N LYS E 83 -11.66 24.51 -2.70
CA LYS E 83 -12.60 25.55 -3.03
C LYS E 83 -13.71 24.95 -3.88
N THR E 84 -14.96 25.13 -3.46
CA THR E 84 -16.13 24.61 -4.18
C THR E 84 -17.39 25.43 -3.85
N VAL E 85 -18.56 24.94 -4.26
CA VAL E 85 -19.86 25.53 -3.97
C VAL E 85 -20.82 24.39 -3.63
N VAL E 86 -21.69 24.61 -2.66
CA VAL E 86 -22.72 23.66 -2.27
C VAL E 86 -24.03 24.27 -2.76
N GLN E 87 -24.88 23.42 -3.37
CA GLN E 87 -26.17 23.88 -3.88
C GLN E 87 -27.31 23.10 -3.31
N LEU E 88 -28.50 23.71 -3.32
CA LEU E 88 -29.71 23.05 -2.89
C LEU E 88 -30.38 22.47 -4.11
N GLU E 89 -30.65 21.17 -4.11
CA GLU E 89 -31.30 20.46 -5.21
C GLU E 89 -32.58 19.87 -4.65
N GLY E 90 -33.72 20.26 -5.21
CA GLY E 90 -35.04 19.82 -4.76
C GLY E 90 -35.44 20.52 -3.48
N ASP E 91 -36.15 19.81 -2.60
CA ASP E 91 -36.52 20.40 -1.31
C ASP E 91 -35.58 19.93 -0.20
N ASN E 92 -34.90 18.79 -0.42
CA ASN E 92 -34.11 18.17 0.62
C ASN E 92 -32.69 17.74 0.28
N LYS E 93 -32.06 18.27 -0.76
CA LYS E 93 -30.70 17.81 -1.06
C LYS E 93 -29.66 18.90 -1.09
N LEU E 94 -28.52 18.62 -0.52
CA LEU E 94 -27.36 19.49 -0.61
C LEU E 94 -26.38 18.74 -1.50
N VAL E 95 -25.99 19.38 -2.61
CA VAL E 95 -25.11 18.77 -3.59
C VAL E 95 -23.86 19.60 -3.81
N THR E 96 -22.72 18.92 -3.89
CA THR E 96 -21.42 19.53 -4.15
C THR E 96 -20.48 18.55 -4.84
N THR E 97 -19.41 19.11 -5.41
CA THR E 97 -18.34 18.35 -6.04
C THR E 97 -17.01 18.94 -5.57
N PHE E 98 -16.01 18.08 -5.37
CA PHE E 98 -14.66 18.47 -4.97
C PHE E 98 -13.80 17.25 -5.17
N LYS E 99 -12.54 17.44 -5.60
CA LYS E 99 -11.57 16.36 -5.84
C LYS E 99 -12.21 15.07 -6.45
N ASN E 100 -13.00 15.26 -7.54
CA ASN E 100 -13.68 14.20 -8.27
C ASN E 100 -14.73 13.41 -7.49
N ILE E 101 -15.18 13.97 -6.38
CA ILE E 101 -16.21 13.34 -5.58
C ILE E 101 -17.51 14.12 -5.77
N LYS E 102 -18.60 13.40 -6.04
CA LYS E 102 -19.93 13.96 -6.08
C LYS E 102 -20.55 13.64 -4.71
N SER E 103 -20.91 14.68 -3.93
CA SER E 103 -21.50 14.53 -2.61
C SER E 103 -22.94 14.97 -2.66
N VAL E 104 -23.82 14.14 -2.11
CA VAL E 104 -25.27 14.37 -2.04
C VAL E 104 -25.71 14.09 -0.60
N THR E 105 -26.21 15.12 0.11
CA THR E 105 -26.74 15.00 1.47
C THR E 105 -28.25 15.19 1.36
N GLU E 106 -29.00 14.13 1.63
CA GLU E 106 -30.45 14.11 1.51
C GLU E 106 -31.13 13.86 2.85
N LEU E 107 -32.10 14.69 3.20
CA LEU E 107 -32.86 14.51 4.42
C LEU E 107 -34.28 14.05 4.08
N ASN E 108 -34.72 12.98 4.72
CA ASN E 108 -36.08 12.48 4.56
C ASN E 108 -36.62 12.23 5.96
N GLY E 109 -37.33 13.23 6.48
CA GLY E 109 -37.88 13.20 7.83
C GLY E 109 -36.79 13.25 8.87
N ASP E 110 -36.53 12.09 9.50
CA ASP E 110 -35.51 11.95 10.52
C ASP E 110 -34.25 11.26 10.00
N ILE E 111 -34.29 10.72 8.75
CA ILE E 111 -33.20 9.99 8.12
C ILE E 111 -32.39 10.85 7.17
N ILE E 112 -31.10 10.91 7.42
CA ILE E 112 -30.18 11.64 6.58
C ILE E 112 -29.32 10.63 5.82
N THR E 113 -29.27 10.77 4.50
CA THR E 113 -28.47 9.91 3.65
C THR E 113 -27.37 10.76 3.05
N ASN E 114 -26.15 10.41 3.37
CA ASN E 114 -25.00 11.07 2.76
C ASN E 114 -24.40 10.07 1.75
N THR E 115 -24.26 10.51 0.49
CA THR E 115 -23.71 9.68 -0.56
C THR E 115 -22.52 10.42 -1.15
N MET E 116 -21.36 9.76 -1.16
CA MET E 116 -20.14 10.30 -1.75
C MET E 116 -19.67 9.31 -2.81
N THR E 117 -19.71 9.75 -4.08
CA THR E 117 -19.35 8.93 -5.24
C THR E 117 -18.00 9.37 -5.82
N LEU E 118 -17.03 8.45 -5.90
CA LEU E 118 -15.73 8.67 -6.47
C LEU E 118 -15.42 7.45 -7.33
N GLY E 119 -15.43 7.65 -8.63
CA GLY E 119 -15.17 6.63 -9.63
C GLY E 119 -15.89 5.28 -9.51
N ASP E 120 -17.19 5.33 -9.34
CA ASP E 120 -18.09 4.16 -9.15
C ASP E 120 -18.19 3.60 -7.73
N ILE E 121 -17.26 4.00 -6.82
CA ILE E 121 -17.35 3.68 -5.39
C ILE E 121 -18.42 4.64 -4.83
N VAL E 122 -19.45 4.07 -4.24
CA VAL E 122 -20.54 4.82 -3.61
C VAL E 122 -20.41 4.59 -2.11
N PHE E 123 -19.89 5.60 -1.41
CA PHE E 123 -19.74 5.63 0.04
C PHE E 123 -21.04 6.24 0.59
N LYS E 124 -21.86 5.42 1.25
CA LYS E 124 -23.16 5.82 1.72
C LYS E 124 -23.29 5.68 3.21
N ARG E 125 -23.71 6.77 3.86
CA ARG E 125 -23.92 6.84 5.30
C ARG E 125 -25.37 7.14 5.59
N ILE E 126 -25.98 6.38 6.51
CA ILE E 126 -27.37 6.56 6.89
C ILE E 126 -27.37 6.87 8.37
N SER E 127 -27.90 8.04 8.70
CA SER E 127 -27.92 8.57 10.06
C SER E 127 -29.30 9.03 10.43
N LYS E 128 -29.67 8.78 11.69
CA LYS E 128 -30.98 9.09 12.23
C LYS E 128 -30.87 10.19 13.26
N ARG E 129 -31.83 11.12 13.23
CA ARG E 129 -31.94 12.23 14.17
C ARG E 129 -32.06 11.68 15.61
N ILE E 130 -31.33 12.31 16.54
CA ILE E 130 -31.35 11.94 17.96
C ILE E 130 -31.75 13.11 18.88
N SER F 5 17.01 5.46 -16.95
CA SER F 5 16.46 6.75 -17.37
C SER F 5 15.08 6.61 -18.04
N PHE F 6 14.12 7.52 -17.70
CA PHE F 6 12.78 7.54 -18.29
C PHE F 6 12.77 8.31 -19.60
N SER F 7 13.83 9.06 -19.90
CA SER F 7 13.95 9.88 -21.12
C SER F 7 13.60 9.15 -22.42
N GLY F 8 12.81 9.81 -23.26
CA GLY F 8 12.41 9.27 -24.55
C GLY F 8 11.08 9.77 -25.05
N LYS F 9 10.78 9.42 -26.32
CA LYS F 9 9.50 9.71 -26.99
C LYS F 9 8.74 8.40 -27.05
N TYR F 10 7.52 8.39 -26.55
CA TYR F 10 6.72 7.18 -26.43
C TYR F 10 5.41 7.29 -27.16
N GLN F 11 5.18 6.37 -28.06
CA GLN F 11 3.99 6.28 -28.88
C GLN F 11 2.99 5.43 -28.16
N LEU F 12 1.75 5.97 -27.94
CA LEU F 12 0.68 5.21 -27.33
C LEU F 12 0.34 3.98 -28.18
N GLN F 13 0.33 2.79 -27.55
CA GLN F 13 0.02 1.50 -28.23
C GLN F 13 -1.41 1.10 -27.99
N SER F 14 -1.85 1.19 -26.71
CA SER F 14 -3.22 0.86 -26.33
C SER F 14 -3.57 1.49 -25.01
N GLN F 15 -4.87 1.61 -24.74
CA GLN F 15 -5.37 2.14 -23.49
C GLN F 15 -6.71 1.50 -23.13
N GLU F 16 -6.99 1.37 -21.85
CA GLU F 16 -8.23 0.84 -21.34
C GLU F 16 -8.89 1.91 -20.48
N ASN F 17 -10.22 2.00 -20.56
CA ASN F 17 -11.07 2.89 -19.77
C ASN F 17 -10.91 4.38 -19.96
N PHE F 18 -10.53 4.79 -21.17
CA PHE F 18 -10.36 6.23 -21.47
C PHE F 18 -11.69 6.97 -21.23
N GLU F 19 -12.76 6.48 -21.81
CA GLU F 19 -14.08 7.11 -21.73
C GLU F 19 -14.65 7.10 -20.34
N ALA F 20 -14.54 5.96 -19.61
CA ALA F 20 -15.08 5.88 -18.25
C ALA F 20 -14.32 6.85 -17.33
N PHE F 21 -12.98 6.93 -17.48
CA PHE F 21 -12.12 7.82 -16.69
C PHE F 21 -12.47 9.27 -16.96
N MET F 22 -12.52 9.63 -18.24
CA MET F 22 -12.78 10.99 -18.68
C MET F 22 -14.16 11.48 -18.26
N LYS F 23 -15.15 10.58 -18.28
CA LYS F 23 -16.51 10.86 -17.82
C LYS F 23 -16.49 11.08 -16.30
N ALA F 24 -15.74 10.25 -15.56
CA ALA F 24 -15.61 10.33 -14.12
C ALA F 24 -14.92 11.62 -13.63
N ILE F 25 -13.98 12.18 -14.44
CA ILE F 25 -13.32 13.45 -14.13
C ILE F 25 -14.14 14.68 -14.61
N GLY F 26 -15.30 14.42 -15.21
CA GLY F 26 -16.23 15.43 -15.71
C GLY F 26 -15.77 16.12 -16.96
N LEU F 27 -14.90 15.44 -17.77
CA LEU F 27 -14.37 16.04 -18.99
C LEU F 27 -15.51 16.24 -20.02
N PRO F 28 -15.59 17.44 -20.70
CA PRO F 28 -16.68 17.65 -21.67
C PRO F 28 -16.73 16.53 -22.68
N GLU F 29 -17.93 16.03 -22.96
CA GLU F 29 -18.24 14.96 -23.91
C GLU F 29 -17.56 15.15 -25.26
N GLU F 30 -17.48 16.41 -25.72
CA GLU F 30 -16.88 16.92 -26.95
C GLU F 30 -15.38 16.51 -27.02
N LEU F 31 -14.69 16.66 -25.89
CA LEU F 31 -13.30 16.28 -25.75
C LEU F 31 -13.15 14.75 -25.63
N ILE F 32 -14.12 14.07 -24.96
CA ILE F 32 -14.04 12.60 -24.81
C ILE F 32 -14.05 11.92 -26.20
N GLN F 33 -15.04 12.32 -27.02
CA GLN F 33 -15.26 11.75 -28.34
C GLN F 33 -14.14 12.05 -29.34
N LYS F 34 -13.66 13.31 -29.36
CA LYS F 34 -12.57 13.75 -30.19
C LYS F 34 -11.25 13.07 -29.77
N GLY F 35 -11.03 12.96 -28.45
CA GLY F 35 -9.82 12.42 -27.88
C GLY F 35 -9.61 10.92 -27.84
N LYS F 36 -10.70 10.15 -27.67
CA LYS F 36 -10.65 8.70 -27.45
C LYS F 36 -9.79 7.82 -28.36
N ASP F 37 -9.74 8.10 -29.65
CA ASP F 37 -9.01 7.24 -30.56
C ASP F 37 -7.64 7.74 -31.02
N ILE F 38 -7.23 8.89 -30.52
CA ILE F 38 -5.93 9.51 -30.81
C ILE F 38 -4.85 8.69 -30.06
N LYS F 39 -3.82 8.28 -30.83
CA LYS F 39 -2.67 7.56 -30.32
C LYS F 39 -1.47 8.41 -30.66
N GLY F 40 -1.15 9.30 -29.76
CA GLY F 40 -0.08 10.25 -29.96
C GLY F 40 1.25 9.85 -29.33
N VAL F 41 2.14 10.80 -29.26
CA VAL F 41 3.47 10.63 -28.75
C VAL F 41 3.63 11.54 -27.52
N SER F 42 4.06 10.95 -26.40
CA SER F 42 4.38 11.68 -25.19
C SER F 42 5.89 11.68 -25.03
N GLU F 43 6.47 12.78 -24.55
CA GLU F 43 7.91 12.86 -24.36
C GLU F 43 8.28 13.08 -22.88
N ILE F 44 9.34 12.41 -22.42
CA ILE F 44 9.91 12.59 -21.10
C ILE F 44 11.35 13.01 -21.28
N VAL F 45 11.76 14.03 -20.53
CA VAL F 45 13.13 14.47 -20.41
C VAL F 45 13.42 14.32 -18.93
N GLN F 46 14.31 13.39 -18.57
CA GLN F 46 14.76 13.22 -17.20
C GLN F 46 16.22 13.66 -17.04
N ASN F 47 16.49 14.43 -16.01
CA ASN F 47 17.83 14.87 -15.66
C ASN F 47 17.91 14.67 -14.13
N GLY F 48 18.47 13.54 -13.70
CA GLY F 48 18.57 13.21 -12.28
C GLY F 48 17.19 13.00 -11.67
N LYS F 49 16.83 13.84 -10.70
CA LYS F 49 15.55 13.85 -9.99
C LYS F 49 14.53 14.76 -10.67
N HIS F 50 14.97 15.53 -11.69
CA HIS F 50 14.14 16.46 -12.41
C HIS F 50 13.55 15.84 -13.65
N PHE F 51 12.24 16.03 -13.84
CA PHE F 51 11.50 15.47 -14.98
C PHE F 51 10.66 16.52 -15.66
N LYS F 52 10.61 16.46 -16.99
CA LYS F 52 9.75 17.31 -17.83
C LYS F 52 8.99 16.36 -18.74
N PHE F 53 7.68 16.35 -18.60
CA PHE F 53 6.75 15.52 -19.34
C PHE F 53 5.98 16.36 -20.33
N THR F 54 5.89 15.92 -21.59
CA THR F 54 5.04 16.55 -22.63
C THR F 54 4.08 15.44 -23.00
N ILE F 55 2.96 15.38 -22.31
CA ILE F 55 1.98 14.32 -22.51
C ILE F 55 0.93 14.72 -23.53
N THR F 56 0.59 13.79 -24.46
CA THR F 56 -0.49 13.90 -25.40
C THR F 56 -1.54 12.98 -24.83
N ALA F 57 -2.61 13.57 -24.32
CA ALA F 57 -3.71 12.84 -23.70
C ALA F 57 -4.98 13.28 -24.39
N GLY F 58 -5.51 12.40 -25.24
CA GLY F 58 -6.65 12.69 -26.06
C GLY F 58 -6.30 13.83 -26.98
N SER F 59 -7.12 14.90 -26.98
CA SER F 59 -6.92 16.08 -27.82
C SER F 59 -6.11 17.20 -27.13
N LYS F 60 -5.55 16.93 -25.94
CA LYS F 60 -4.78 17.91 -25.17
C LYS F 60 -3.31 17.54 -25.06
N VAL F 61 -2.45 18.55 -25.02
CA VAL F 61 -1.03 18.42 -24.78
C VAL F 61 -0.80 19.09 -23.42
N ILE F 62 -0.25 18.34 -22.47
CA ILE F 62 -0.02 18.80 -21.12
C ILE F 62 1.45 18.74 -20.81
N GLN F 63 1.99 19.84 -20.30
CA GLN F 63 3.39 19.90 -19.90
C GLN F 63 3.48 20.02 -18.39
N ASN F 64 4.13 19.04 -17.78
CA ASN F 64 4.35 19.03 -16.35
C ASN F 64 5.80 18.85 -16.07
N GLU F 65 6.30 19.64 -15.14
CA GLU F 65 7.67 19.51 -14.68
C GLU F 65 7.77 19.54 -13.18
N PHE F 66 8.62 18.66 -12.67
CA PHE F 66 8.76 18.45 -11.26
C PHE F 66 10.11 17.84 -10.93
N THR F 67 10.50 17.99 -9.65
CA THR F 67 11.68 17.38 -9.05
C THR F 67 11.07 16.38 -8.05
N VAL F 68 11.43 15.08 -8.16
CA VAL F 68 10.89 14.06 -7.26
C VAL F 68 11.17 14.39 -5.79
N GLY F 69 10.16 14.25 -4.95
CA GLY F 69 10.27 14.56 -3.52
C GLY F 69 10.02 16.00 -3.18
N GLU F 70 9.81 16.86 -4.20
CA GLU F 70 9.57 18.28 -3.99
C GLU F 70 8.17 18.63 -4.40
N GLU F 71 7.58 19.62 -3.72
CA GLU F 71 6.23 20.10 -4.04
C GLU F 71 6.24 20.63 -5.47
N CYS F 72 5.27 20.18 -6.27
CA CYS F 72 5.13 20.61 -7.65
C CYS F 72 3.70 21.01 -7.89
N GLU F 73 3.46 21.68 -9.01
CA GLU F 73 2.13 22.06 -9.44
C GLU F 73 1.89 21.35 -10.75
N LEU F 74 1.00 20.34 -10.75
CA LEU F 74 0.66 19.56 -11.93
C LEU F 74 -0.62 20.04 -12.59
N GLU F 75 -0.62 20.08 -13.92
CA GLU F 75 -1.77 20.46 -14.71
C GLU F 75 -2.55 19.18 -15.02
N THR F 76 -3.82 19.16 -14.62
CA THR F 76 -4.69 17.99 -14.83
C THR F 76 -5.37 18.11 -16.20
N MET F 77 -6.08 17.05 -16.61
CA MET F 77 -6.79 16.98 -17.88
C MET F 77 -7.90 18.04 -17.99
N THR F 78 -8.48 18.46 -16.87
CA THR F 78 -9.49 19.51 -16.81
C THR F 78 -8.91 20.94 -16.80
N GLY F 79 -7.62 21.12 -17.10
CA GLY F 79 -6.95 22.43 -17.16
C GLY F 79 -6.46 22.98 -15.82
N GLU F 80 -7.16 22.61 -14.75
CA GLU F 80 -6.89 22.93 -13.35
C GLU F 80 -5.47 22.50 -12.92
N LYS F 81 -4.78 23.35 -12.15
CA LYS F 81 -3.43 23.10 -11.62
C LYS F 81 -3.50 22.71 -10.14
N VAL F 82 -2.89 21.59 -9.76
CA VAL F 82 -2.96 21.05 -8.41
C VAL F 82 -1.58 20.93 -7.80
N LYS F 83 -1.47 21.22 -6.50
CA LYS F 83 -0.21 21.11 -5.75
C LYS F 83 -0.10 19.69 -5.21
N THR F 84 1.00 19.01 -5.55
CA THR F 84 1.26 17.64 -5.11
C THR F 84 2.76 17.38 -5.05
N VAL F 85 3.16 16.10 -4.91
CA VAL F 85 4.53 15.61 -4.91
C VAL F 85 4.58 14.33 -5.72
N VAL F 86 5.62 14.18 -6.54
CA VAL F 86 5.83 12.95 -7.30
C VAL F 86 6.97 12.24 -6.58
N GLN F 87 6.86 10.92 -6.39
CA GLN F 87 7.91 10.15 -5.74
C GLN F 87 8.41 9.06 -6.64
N LEU F 88 9.66 8.63 -6.44
CA LEU F 88 10.23 7.49 -7.12
C LEU F 88 10.07 6.31 -6.18
N GLU F 89 9.58 5.18 -6.71
CA GLU F 89 9.45 3.90 -5.99
C GLU F 89 10.27 2.91 -6.81
N GLY F 90 11.43 2.54 -6.27
CA GLY F 90 12.42 1.76 -7.02
C GLY F 90 13.10 2.71 -7.97
N ASP F 91 13.64 2.22 -9.07
CA ASP F 91 14.27 3.11 -10.04
C ASP F 91 13.33 3.37 -11.23
N ASN F 92 12.35 2.46 -11.44
CA ASN F 92 11.47 2.52 -12.60
C ASN F 92 9.98 2.96 -12.39
N LYS F 93 9.59 3.46 -11.21
CA LYS F 93 8.21 3.89 -10.98
C LYS F 93 8.11 5.31 -10.45
N LEU F 94 7.23 6.10 -11.06
CA LEU F 94 6.93 7.46 -10.60
C LEU F 94 5.50 7.38 -10.07
N VAL F 95 5.31 7.79 -8.82
CA VAL F 95 4.01 7.70 -8.17
C VAL F 95 3.59 9.09 -7.66
N THR F 96 2.32 9.44 -7.88
CA THR F 96 1.74 10.68 -7.38
C THR F 96 0.25 10.53 -7.15
N THR F 97 -0.34 11.54 -6.52
CA THR F 97 -1.77 11.63 -6.27
C THR F 97 -2.20 13.05 -6.54
N PHE F 98 -3.38 13.21 -7.11
CA PHE F 98 -3.97 14.52 -7.35
C PHE F 98 -5.44 14.34 -7.62
N LYS F 99 -6.28 15.20 -7.08
CA LYS F 99 -7.73 15.17 -7.28
C LYS F 99 -8.34 13.77 -7.12
N ASN F 100 -7.84 12.98 -6.16
CA ASN F 100 -8.28 11.62 -5.82
C ASN F 100 -7.98 10.57 -6.88
N ILE F 101 -7.01 10.91 -7.75
CA ILE F 101 -6.47 10.02 -8.77
C ILE F 101 -5.10 9.59 -8.26
N LYS F 102 -4.84 8.27 -8.22
CA LYS F 102 -3.52 7.70 -7.93
C LYS F 102 -2.86 7.40 -9.28
N SER F 103 -1.71 8.05 -9.57
CA SER F 103 -0.99 7.88 -10.83
C SER F 103 0.30 7.12 -10.60
N VAL F 104 0.53 6.08 -11.42
CA VAL F 104 1.73 5.24 -11.40
C VAL F 104 2.26 5.15 -12.83
N THR F 105 3.48 5.67 -13.04
CA THR F 105 4.18 5.61 -14.34
C THR F 105 5.32 4.63 -14.17
N GLU F 106 5.25 3.49 -14.87
CA GLU F 106 6.27 2.45 -14.78
C GLU F 106 6.96 2.18 -16.12
N LEU F 107 8.30 2.18 -16.11
CA LEU F 107 9.08 1.88 -17.31
C LEU F 107 9.72 0.50 -17.20
N ASN F 108 9.53 -0.32 -18.24
CA ASN F 108 10.10 -1.67 -18.36
C ASN F 108 10.71 -1.77 -19.75
N GLY F 109 12.01 -1.47 -19.83
CA GLY F 109 12.77 -1.43 -21.06
C GLY F 109 12.32 -0.30 -21.95
N ASP F 110 11.55 -0.63 -23.00
CA ASP F 110 11.01 0.32 -23.96
C ASP F 110 9.52 0.63 -23.72
N ILE F 111 8.87 -0.11 -22.82
CA ILE F 111 7.44 0.01 -22.55
C ILE F 111 7.14 0.79 -21.28
N ILE F 112 6.35 1.85 -21.42
CA ILE F 112 5.82 2.61 -20.31
C ILE F 112 4.36 2.18 -20.04
N THR F 113 4.06 1.89 -18.77
CA THR F 113 2.71 1.63 -18.33
C THR F 113 2.30 2.81 -17.43
N ASN F 114 1.29 3.58 -17.84
CA ASN F 114 0.75 4.67 -17.04
C ASN F 114 -0.62 4.19 -16.52
N THR F 115 -0.76 4.09 -15.19
CA THR F 115 -2.00 3.64 -14.53
C THR F 115 -2.55 4.79 -13.68
N MET F 116 -3.78 5.23 -14.02
CA MET F 116 -4.49 6.26 -13.27
C MET F 116 -5.76 5.64 -12.68
N THR F 117 -5.81 5.55 -11.35
CA THR F 117 -6.91 4.94 -10.60
C THR F 117 -7.75 6.02 -9.93
N LEU F 118 -9.06 6.05 -10.26
CA LEU F 118 -10.04 6.95 -9.67
C LEU F 118 -11.23 6.09 -9.19
N GLY F 119 -11.27 5.86 -7.91
CA GLY F 119 -12.27 4.96 -7.35
C GLY F 119 -11.99 3.56 -7.84
N ASP F 120 -12.96 2.95 -8.53
CA ASP F 120 -12.83 1.61 -9.10
C ASP F 120 -12.30 1.65 -10.53
N ILE F 121 -12.20 2.84 -11.14
CA ILE F 121 -11.80 2.99 -12.54
C ILE F 121 -10.30 2.99 -12.68
N VAL F 122 -9.78 2.04 -13.44
CA VAL F 122 -8.35 1.90 -13.74
C VAL F 122 -8.14 2.28 -15.20
N PHE F 123 -7.64 3.50 -15.42
CA PHE F 123 -7.33 4.03 -16.72
C PHE F 123 -5.86 3.67 -16.98
N LYS F 124 -5.62 2.75 -17.91
CA LYS F 124 -4.28 2.23 -18.18
C LYS F 124 -3.84 2.52 -19.59
N ARG F 125 -2.65 3.09 -19.72
CA ARG F 125 -2.04 3.47 -21.01
C ARG F 125 -0.72 2.73 -21.19
N ILE F 126 -0.52 2.12 -22.35
CA ILE F 126 0.71 1.41 -22.68
C ILE F 126 1.36 2.10 -23.89
N SER F 127 2.60 2.58 -23.69
CA SER F 127 3.40 3.37 -24.63
C SER F 127 4.70 2.69 -24.93
N LYS F 128 5.19 2.83 -26.17
CA LYS F 128 6.45 2.23 -26.59
C LYS F 128 7.36 3.31 -27.08
N ARG F 129 8.65 3.24 -26.72
CA ARG F 129 9.69 4.15 -27.14
C ARG F 129 9.82 4.13 -28.68
N ILE F 130 9.94 5.32 -29.28
CA ILE F 130 10.09 5.49 -30.73
C ILE F 130 11.36 6.25 -31.11
N MET G 4 4.06 10.79 -54.59
CA MET G 4 4.93 11.31 -53.54
C MET G 4 4.30 11.23 -52.13
N SER G 5 4.94 10.46 -51.22
CA SER G 5 4.43 10.25 -49.86
C SER G 5 4.81 11.23 -48.75
N PHE G 6 3.78 11.87 -48.15
CA PHE G 6 3.92 12.77 -47.01
C PHE G 6 3.91 11.97 -45.69
N SER G 7 3.49 10.69 -45.71
CA SER G 7 3.40 9.82 -44.53
C SER G 7 4.62 9.87 -43.64
N GLY G 8 4.37 9.93 -42.33
CA GLY G 8 5.42 9.96 -41.31
C GLY G 8 5.05 10.68 -40.03
N LYS G 9 5.92 10.54 -39.02
CA LYS G 9 5.82 11.23 -37.74
C LYS G 9 6.92 12.29 -37.77
N TYR G 10 6.54 13.55 -37.50
CA TYR G 10 7.46 14.67 -37.59
C TYR G 10 7.53 15.42 -36.29
N GLN G 11 8.75 15.56 -35.76
CA GLN G 11 9.05 16.26 -34.53
C GLN G 11 9.33 17.71 -34.85
N LEU G 12 8.61 18.66 -34.20
CA LEU G 12 8.82 20.10 -34.40
C LEU G 12 10.25 20.46 -33.97
N GLN G 13 11.00 21.12 -34.87
CA GLN G 13 12.39 21.53 -34.63
C GLN G 13 12.44 22.99 -34.18
N SER G 14 11.72 23.86 -34.90
CA SER G 14 11.65 25.30 -34.59
C SER G 14 10.42 25.91 -35.19
N GLN G 15 10.03 27.07 -34.66
CA GLN G 15 8.91 27.83 -35.13
C GLN G 15 9.11 29.32 -34.93
N GLU G 16 8.58 30.11 -35.87
CA GLU G 16 8.67 31.56 -35.85
C GLU G 16 7.27 32.11 -35.80
N ASN G 17 7.09 33.17 -35.02
CA ASN G 17 5.84 33.91 -34.90
C ASN G 17 4.63 33.17 -34.34
N PHE G 18 4.87 32.19 -33.44
CA PHE G 18 3.77 31.45 -32.80
C PHE G 18 2.89 32.42 -32.01
N GLU G 19 3.52 33.29 -31.19
CA GLU G 19 2.87 34.28 -30.35
C GLU G 19 2.11 35.33 -31.14
N ALA G 20 2.72 35.88 -32.18
CA ALA G 20 2.06 36.90 -33.00
C ALA G 20 0.87 36.32 -33.72
N PHE G 21 1.02 35.11 -34.28
CA PHE G 21 -0.06 34.42 -34.98
C PHE G 21 -1.25 34.11 -34.04
N MET G 22 -0.94 33.50 -32.86
CA MET G 22 -1.90 33.11 -31.85
C MET G 22 -2.66 34.30 -31.31
N LYS G 23 -1.96 35.41 -31.13
CA LYS G 23 -2.58 36.64 -30.68
C LYS G 23 -3.50 37.22 -31.78
N ALA G 24 -3.03 37.22 -33.05
CA ALA G 24 -3.77 37.73 -34.20
C ALA G 24 -5.09 36.96 -34.48
N ILE G 25 -5.13 35.66 -34.17
CA ILE G 25 -6.34 34.83 -34.33
C ILE G 25 -7.30 34.96 -33.08
N GLY G 26 -6.94 35.89 -32.17
CA GLY G 26 -7.68 36.27 -30.98
C GLY G 26 -7.48 35.48 -29.69
N LEU G 27 -6.36 34.74 -29.57
CA LEU G 27 -6.09 33.91 -28.38
C LEU G 27 -5.39 34.63 -27.20
N PRO G 28 -5.64 34.18 -25.94
CA PRO G 28 -5.14 34.92 -24.77
C PRO G 28 -3.70 34.61 -24.38
N GLU G 29 -3.05 35.53 -23.65
CA GLU G 29 -1.68 35.40 -23.16
C GLU G 29 -1.43 34.07 -22.42
N GLU G 30 -2.37 33.64 -21.54
CA GLU G 30 -2.28 32.36 -20.80
C GLU G 30 -2.08 31.18 -21.77
N LEU G 31 -2.92 31.13 -22.81
CA LEU G 31 -2.89 30.05 -23.80
C LEU G 31 -1.54 29.94 -24.50
N ILE G 32 -1.04 31.07 -25.00
CA ILE G 32 0.21 31.30 -25.70
C ILE G 32 1.41 30.91 -24.82
N GLN G 33 1.50 31.36 -23.55
CA GLN G 33 2.59 30.98 -22.63
C GLN G 33 2.71 29.48 -22.49
N LYS G 34 1.55 28.79 -22.30
CA LYS G 34 1.42 27.34 -22.16
C LYS G 34 1.92 26.58 -23.40
N GLY G 35 1.47 26.98 -24.58
CA GLY G 35 1.79 26.24 -25.80
C GLY G 35 3.05 26.63 -26.56
N LYS G 36 3.56 27.86 -26.34
CA LYS G 36 4.69 28.41 -27.12
C LYS G 36 5.94 27.58 -27.19
N ASP G 37 6.31 26.88 -26.10
CA ASP G 37 7.56 26.13 -26.07
C ASP G 37 7.42 24.62 -26.21
N ILE G 38 6.18 24.15 -26.48
CA ILE G 38 5.88 22.76 -26.74
C ILE G 38 6.38 22.41 -28.16
N LYS G 39 7.25 21.40 -28.24
CA LYS G 39 7.79 20.86 -29.47
C LYS G 39 7.35 19.42 -29.56
N GLY G 40 6.17 19.20 -30.12
CA GLY G 40 5.59 17.88 -30.20
C GLY G 40 5.81 17.19 -31.51
N VAL G 41 5.08 16.11 -31.69
CA VAL G 41 5.14 15.26 -32.86
C VAL G 41 3.79 15.33 -33.57
N SER G 42 3.82 15.62 -34.86
CA SER G 42 2.64 15.64 -35.72
C SER G 42 2.75 14.41 -36.67
N GLU G 43 1.63 13.76 -36.95
CA GLU G 43 1.64 12.59 -37.82
C GLU G 43 0.77 12.79 -39.07
N ILE G 44 1.27 12.29 -40.23
CA ILE G 44 0.54 12.26 -41.49
C ILE G 44 0.42 10.80 -41.91
N VAL G 45 -0.78 10.38 -42.29
CA VAL G 45 -1.07 9.07 -42.85
C VAL G 45 -1.69 9.42 -44.23
N GLN G 46 -0.99 9.04 -45.29
CA GLN G 46 -1.43 9.31 -46.65
C GLN G 46 -1.69 8.00 -47.37
N ASN G 47 -2.81 7.92 -48.10
CA ASN G 47 -3.19 6.79 -48.97
C ASN G 47 -3.73 7.44 -50.25
N GLY G 48 -2.84 7.57 -51.26
CA GLY G 48 -3.17 8.22 -52.53
C GLY G 48 -3.45 9.69 -52.33
N LYS G 49 -4.67 10.12 -52.67
CA LYS G 49 -5.14 11.53 -52.52
C LYS G 49 -5.76 11.77 -51.14
N HIS G 50 -5.95 10.68 -50.34
CA HIS G 50 -6.54 10.76 -49.01
C HIS G 50 -5.49 10.92 -47.91
N PHE G 51 -5.70 11.91 -47.03
CA PHE G 51 -4.78 12.26 -45.95
C PHE G 51 -5.49 12.34 -44.59
N LYS G 52 -4.80 11.92 -43.53
CA LYS G 52 -5.21 12.05 -42.15
C LYS G 52 -4.02 12.67 -41.39
N PHE G 53 -4.23 13.87 -40.86
CA PHE G 53 -3.25 14.64 -40.11
C PHE G 53 -3.58 14.64 -38.63
N THR G 54 -2.56 14.42 -37.77
CA THR G 54 -2.72 14.49 -36.32
C THR G 54 -1.69 15.50 -35.92
N ILE G 55 -2.11 16.77 -35.72
CA ILE G 55 -1.21 17.86 -35.48
C ILE G 55 -1.23 18.29 -34.07
N THR G 56 -0.02 18.36 -33.49
CA THR G 56 0.23 18.91 -32.17
C THR G 56 0.58 20.37 -32.41
N ALA G 57 -0.32 21.28 -32.06
CA ALA G 57 -0.10 22.71 -32.24
C ALA G 57 -0.33 23.36 -30.90
N GLY G 58 0.76 23.81 -30.29
CA GLY G 58 0.75 24.36 -28.94
C GLY G 58 0.25 23.30 -27.99
N SER G 59 -0.76 23.62 -27.20
CA SER G 59 -1.32 22.71 -26.21
C SER G 59 -2.54 21.89 -26.72
N LYS G 60 -2.81 21.94 -28.04
CA LYS G 60 -3.92 21.24 -28.68
C LYS G 60 -3.45 20.16 -29.65
N VAL G 61 -4.24 19.07 -29.74
CA VAL G 61 -4.08 18.02 -30.73
C VAL G 61 -5.26 18.18 -31.71
N ILE G 62 -4.95 18.45 -32.98
CA ILE G 62 -5.95 18.66 -34.02
C ILE G 62 -5.88 17.55 -35.05
N GLN G 63 -7.03 16.94 -35.31
CA GLN G 63 -7.13 15.88 -36.28
C GLN G 63 -7.94 16.35 -37.46
N ASN G 64 -7.33 16.31 -38.64
CA ASN G 64 -7.99 16.71 -39.87
C ASN G 64 -7.83 15.62 -40.91
N GLU G 65 -8.90 15.35 -41.66
CA GLU G 65 -8.83 14.42 -42.76
C GLU G 65 -9.52 14.92 -44.02
N PHE G 66 -8.91 14.67 -45.15
CA PHE G 66 -9.40 15.18 -46.42
C PHE G 66 -8.87 14.37 -47.59
N THR G 67 -9.53 14.53 -48.74
CA THR G 67 -9.08 14.01 -50.03
C THR G 67 -8.68 15.30 -50.78
N VAL G 68 -7.48 15.34 -51.40
CA VAL G 68 -7.09 16.55 -52.16
C VAL G 68 -8.09 16.84 -53.28
N GLY G 69 -8.49 18.10 -53.40
CA GLY G 69 -9.44 18.53 -54.42
C GLY G 69 -10.89 18.33 -54.07
N GLU G 70 -11.18 17.78 -52.89
CA GLU G 70 -12.56 17.57 -52.46
C GLU G 70 -12.83 18.39 -51.22
N GLU G 71 -14.07 18.83 -51.08
CA GLU G 71 -14.52 19.62 -49.95
C GLU G 71 -14.22 18.88 -48.64
N CYS G 72 -13.61 19.59 -47.69
CA CYS G 72 -13.32 19.05 -46.39
C CYS G 72 -13.71 20.01 -45.30
N GLU G 73 -13.78 19.53 -44.06
CA GLU G 73 -14.07 20.36 -42.92
C GLU G 73 -12.84 20.30 -42.03
N LEU G 74 -12.14 21.42 -41.91
CA LEU G 74 -10.92 21.51 -41.09
C LEU G 74 -11.18 22.20 -39.77
N GLU G 75 -10.55 21.69 -38.74
CA GLU G 75 -10.64 22.23 -37.41
C GLU G 75 -9.46 23.17 -37.20
N THR G 76 -9.76 24.37 -36.67
CA THR G 76 -8.80 25.43 -36.44
C THR G 76 -8.33 25.47 -34.99
N MET G 77 -7.33 26.32 -34.73
CA MET G 77 -6.71 26.57 -33.40
C MET G 77 -7.68 27.23 -32.38
N THR G 78 -8.74 27.85 -32.88
CA THR G 78 -9.78 28.43 -32.03
C THR G 78 -10.93 27.40 -31.74
N GLY G 79 -10.87 26.20 -32.34
CA GLY G 79 -11.87 25.13 -32.16
C GLY G 79 -13.00 25.20 -33.18
N GLU G 80 -12.94 26.20 -34.05
CA GLU G 80 -13.88 26.45 -35.12
C GLU G 80 -13.65 25.45 -36.29
N LYS G 81 -14.75 24.90 -36.84
CA LYS G 81 -14.65 24.00 -37.98
C LYS G 81 -15.03 24.76 -39.26
N VAL G 82 -14.15 24.75 -40.25
CA VAL G 82 -14.35 25.50 -41.49
C VAL G 82 -14.39 24.56 -42.69
N LYS G 83 -15.26 24.85 -43.65
CA LYS G 83 -15.40 24.11 -44.90
C LYS G 83 -14.46 24.73 -45.92
N THR G 84 -13.56 23.92 -46.46
CA THR G 84 -12.57 24.37 -47.45
C THR G 84 -12.16 23.19 -48.36
N VAL G 85 -11.01 23.34 -49.06
CA VAL G 85 -10.41 22.34 -49.93
C VAL G 85 -8.89 22.41 -49.72
N VAL G 86 -8.25 21.26 -49.76
CA VAL G 86 -6.79 21.18 -49.70
C VAL G 86 -6.37 20.78 -51.13
N GLN G 87 -5.38 21.48 -51.67
CA GLN G 87 -4.90 21.22 -53.02
C GLN G 87 -3.45 20.87 -53.04
N LEU G 88 -3.01 20.12 -54.07
CA LEU G 88 -1.60 19.81 -54.27
C LEU G 88 -1.07 20.85 -55.25
N GLU G 89 0.06 21.48 -54.93
CA GLU G 89 0.78 22.47 -55.77
C GLU G 89 2.16 21.89 -55.96
N GLY G 90 2.45 21.48 -57.18
CA GLY G 90 3.68 20.76 -57.45
C GLY G 90 3.47 19.35 -56.93
N ASP G 91 4.54 18.63 -56.65
CA ASP G 91 4.41 17.27 -56.13
C ASP G 91 4.56 17.20 -54.60
N ASN G 92 5.20 18.22 -54.00
CA ASN G 92 5.53 18.24 -52.57
C ASN G 92 4.83 19.31 -51.69
N LYS G 93 3.78 20.00 -52.20
CA LYS G 93 3.10 21.04 -51.41
C LYS G 93 1.61 20.83 -51.28
N LEU G 94 1.08 20.96 -50.06
CA LEU G 94 -0.34 20.92 -49.76
C LEU G 94 -0.72 22.33 -49.37
N VAL G 95 -1.71 22.88 -50.04
CA VAL G 95 -2.14 24.26 -49.82
C VAL G 95 -3.61 24.29 -49.46
N THR G 96 -3.94 25.07 -48.43
CA THR G 96 -5.33 25.28 -48.01
C THR G 96 -5.50 26.67 -47.44
N THR G 97 -6.76 27.09 -47.37
CA THR G 97 -7.16 28.41 -46.93
C THR G 97 -8.33 28.25 -46.04
N PHE G 98 -8.45 29.16 -45.09
CA PHE G 98 -9.58 29.22 -44.19
C PHE G 98 -9.51 30.54 -43.50
N LYS G 99 -10.69 31.19 -43.40
CA LYS G 99 -10.82 32.53 -42.85
C LYS G 99 -9.93 33.44 -43.68
N ASN G 100 -8.93 34.07 -43.04
CA ASN G 100 -7.97 34.93 -43.72
C ASN G 100 -6.57 34.32 -43.73
N ILE G 101 -6.48 33.03 -43.45
CA ILE G 101 -5.20 32.31 -43.33
C ILE G 101 -4.93 31.45 -44.55
N LYS G 102 -3.69 31.52 -45.02
CA LYS G 102 -3.23 30.67 -46.11
C LYS G 102 -2.20 29.70 -45.51
N SER G 103 -2.45 28.39 -45.65
CA SER G 103 -1.56 27.35 -45.11
C SER G 103 -0.86 26.58 -46.23
N VAL G 104 0.46 26.45 -46.14
CA VAL G 104 1.29 25.74 -47.11
C VAL G 104 2.14 24.72 -46.35
N THR G 105 1.96 23.43 -46.66
CA THR G 105 2.73 22.32 -46.06
C THR G 105 3.63 21.77 -47.16
N GLU G 106 4.93 21.92 -46.98
CA GLU G 106 5.93 21.52 -47.98
C GLU G 106 6.88 20.47 -47.43
N LEU G 107 7.08 19.38 -48.18
CA LEU G 107 7.99 18.30 -47.77
C LEU G 107 9.23 18.31 -48.65
N ASN G 108 10.40 18.31 -48.02
CA ASN G 108 11.71 18.26 -48.70
C ASN G 108 12.54 17.21 -47.98
N GLY G 109 12.49 15.98 -48.51
CA GLY G 109 13.17 14.83 -47.94
C GLY G 109 12.57 14.42 -46.61
N ASP G 110 13.26 14.74 -45.53
CA ASP G 110 12.83 14.46 -44.15
C ASP G 110 12.29 15.70 -43.43
N ILE G 111 12.41 16.89 -44.06
CA ILE G 111 12.00 18.17 -43.49
C ILE G 111 10.66 18.64 -44.04
N ILE G 112 9.72 18.87 -43.12
CA ILE G 112 8.42 19.40 -43.43
C ILE G 112 8.35 20.86 -42.94
N THR G 113 7.97 21.75 -43.84
CA THR G 113 7.81 23.17 -43.53
C THR G 113 6.32 23.52 -43.60
N ASN G 114 5.74 24.00 -42.49
CA ASN G 114 4.36 24.46 -42.48
C ASN G 114 4.38 25.99 -42.32
N THR G 115 3.86 26.71 -43.32
CA THR G 115 3.82 28.18 -43.38
C THR G 115 2.38 28.65 -43.38
N MET G 116 2.01 29.43 -42.35
CA MET G 116 0.66 29.98 -42.18
C MET G 116 0.77 31.51 -42.22
N THR G 117 0.17 32.11 -43.25
CA THR G 117 0.22 33.53 -43.45
C THR G 117 -1.15 34.15 -43.10
N LEU G 118 -1.12 35.15 -42.21
CA LEU G 118 -2.30 35.92 -41.82
C LEU G 118 -1.81 37.36 -41.82
N GLY G 119 -2.26 38.11 -42.81
CA GLY G 119 -1.86 39.50 -42.99
C GLY G 119 -0.36 39.53 -43.24
N ASP G 120 0.37 40.27 -42.42
CA ASP G 120 1.83 40.37 -42.51
C ASP G 120 2.54 39.32 -41.71
N ILE G 121 1.82 38.59 -40.88
CA ILE G 121 2.38 37.52 -40.06
C ILE G 121 2.64 36.27 -40.89
N VAL G 122 3.84 35.75 -40.79
CA VAL G 122 4.25 34.50 -41.38
C VAL G 122 4.61 33.59 -40.22
N PHE G 123 3.68 32.66 -39.86
CA PHE G 123 3.86 31.67 -38.80
C PHE G 123 4.49 30.43 -39.48
N LYS G 124 5.76 30.15 -39.18
CA LYS G 124 6.48 29.07 -39.86
C LYS G 124 6.95 28.00 -38.87
N ARG G 125 6.64 26.74 -39.18
CA ARG G 125 7.01 25.58 -38.38
C ARG G 125 7.88 24.66 -39.19
N ILE G 126 9.02 24.25 -38.63
CA ILE G 126 9.91 23.31 -39.29
C ILE G 126 9.99 22.03 -38.44
N SER G 127 9.59 20.88 -39.04
CA SER G 127 9.63 19.59 -38.37
C SER G 127 10.50 18.61 -39.14
N LYS G 128 10.98 17.57 -38.44
CA LYS G 128 11.83 16.56 -39.01
C LYS G 128 11.23 15.19 -38.75
N ARG G 129 11.27 14.31 -39.75
CA ARG G 129 10.82 12.93 -39.68
C ARG G 129 11.55 12.19 -38.55
N ILE G 130 10.80 11.42 -37.74
CA ILE G 130 11.37 10.63 -36.64
C ILE G 130 11.04 9.13 -36.77
N SER H 5 -23.63 4.30 37.03
CA SER H 5 -23.12 3.94 35.69
C SER H 5 -22.70 5.18 34.89
N PHE H 6 -21.51 5.13 34.29
CA PHE H 6 -20.96 6.20 33.45
C PHE H 6 -21.49 6.11 32.02
N SER H 7 -22.10 4.97 31.64
CA SER H 7 -22.64 4.73 30.30
C SER H 7 -23.48 5.86 29.75
N GLY H 8 -23.27 6.22 28.49
CA GLY H 8 -24.02 7.27 27.82
C GLY H 8 -23.27 8.00 26.73
N LYS H 9 -24.00 8.84 26.00
CA LYS H 9 -23.49 9.71 24.96
C LYS H 9 -23.57 11.10 25.55
N TYR H 10 -22.45 11.82 25.53
CA TYR H 10 -22.32 13.12 26.17
C TYR H 10 -21.91 14.17 25.17
N GLN H 11 -22.72 15.21 25.08
CA GLN H 11 -22.50 16.35 24.22
C GLN H 11 -21.66 17.36 25.01
N LEU H 12 -20.49 17.81 24.44
CA LEU H 12 -19.65 18.80 25.09
C LEU H 12 -20.44 20.14 25.19
N GLN H 13 -20.51 20.71 26.41
CA GLN H 13 -21.24 21.95 26.67
C GLN H 13 -20.28 23.13 26.67
N SER H 14 -19.16 23.00 27.40
CA SER H 14 -18.13 24.04 27.47
C SER H 14 -16.80 23.44 27.88
N GLN H 15 -15.73 24.17 27.61
CA GLN H 15 -14.38 23.78 27.97
C GLN H 15 -13.51 25.00 28.24
N GLU H 16 -12.55 24.85 29.15
CA GLU H 16 -11.61 25.90 29.52
C GLU H 16 -10.21 25.38 29.25
N ASN H 17 -9.32 26.26 28.75
CA ASN H 17 -7.91 26.02 28.50
C ASN H 17 -7.56 24.96 27.47
N PHE H 18 -8.43 24.78 26.46
CA PHE H 18 -8.16 23.84 25.37
C PHE H 18 -6.84 24.21 24.66
N GLU H 19 -6.70 25.47 24.25
CA GLU H 19 -5.53 25.96 23.52
C GLU H 19 -4.24 25.91 24.31
N ALA H 20 -4.28 26.34 25.60
CA ALA H 20 -3.10 26.32 26.46
C ALA H 20 -2.64 24.88 26.68
N PHE H 21 -3.60 23.95 26.91
CA PHE H 21 -3.31 22.54 27.14
C PHE H 21 -2.70 21.90 25.89
N MET H 22 -3.36 22.05 24.73
CA MET H 22 -2.91 21.51 23.45
C MET H 22 -1.54 22.04 23.04
N LYS H 23 -1.25 23.32 23.34
CA LYS H 23 0.05 23.93 23.08
C LYS H 23 1.10 23.26 24.00
N ALA H 24 0.76 23.09 25.30
CA ALA H 24 1.63 22.47 26.30
C ALA H 24 2.00 21.00 26.00
N ILE H 25 1.07 20.24 25.38
CA ILE H 25 1.32 18.84 24.99
C ILE H 25 2.03 18.73 23.61
N GLY H 26 2.25 19.86 22.95
CA GLY H 26 2.93 19.94 21.66
C GLY H 26 2.09 19.55 20.46
N LEU H 27 0.76 19.79 20.53
CA LEU H 27 -0.12 19.50 19.40
C LEU H 27 0.14 20.59 18.35
N PRO H 28 0.26 20.27 17.03
CA PRO H 28 0.53 21.35 16.04
C PRO H 28 -0.58 22.41 16.04
N GLU H 29 -0.16 23.67 15.88
CA GLU H 29 -1.02 24.87 15.85
C GLU H 29 -2.23 24.72 14.93
N GLU H 30 -2.03 24.10 13.74
CA GLU H 30 -3.07 23.85 12.74
C GLU H 30 -4.22 23.06 13.37
N LEU H 31 -3.89 21.96 14.09
CA LEU H 31 -4.86 21.08 14.75
C LEU H 31 -5.55 21.78 15.93
N ILE H 32 -4.82 22.70 16.61
CA ILE H 32 -5.37 23.44 17.76
C ILE H 32 -6.47 24.38 17.30
N GLN H 33 -6.20 25.13 16.22
CA GLN H 33 -7.14 26.09 15.65
C GLN H 33 -8.37 25.42 15.06
N LYS H 34 -8.17 24.28 14.37
CA LYS H 34 -9.24 23.47 13.78
C LYS H 34 -10.15 22.89 14.86
N GLY H 35 -9.54 22.37 15.92
CA GLY H 35 -10.26 21.67 16.98
C GLY H 35 -10.89 22.45 18.09
N LYS H 36 -10.37 23.66 18.38
CA LYS H 36 -10.80 24.48 19.51
C LYS H 36 -12.30 24.74 19.71
N ASP H 37 -13.06 24.93 18.62
CA ASP H 37 -14.48 25.25 18.74
C ASP H 37 -15.45 24.11 18.46
N ILE H 38 -14.91 22.91 18.23
CA ILE H 38 -15.70 21.72 17.99
C ILE H 38 -16.30 21.25 19.32
N LYS H 39 -17.65 21.11 19.35
CA LYS H 39 -18.39 20.60 20.50
C LYS H 39 -19.10 19.33 20.06
N GLY H 40 -18.38 18.22 20.17
CA GLY H 40 -18.87 16.93 19.72
C GLY H 40 -19.52 16.09 20.79
N VAL H 41 -19.75 14.82 20.42
CA VAL H 41 -20.37 13.82 21.28
C VAL H 41 -19.35 12.73 21.57
N SER H 42 -19.12 12.45 22.84
CA SER H 42 -18.24 11.38 23.32
C SER H 42 -19.12 10.32 23.94
N GLU H 43 -18.74 9.06 23.79
CA GLU H 43 -19.51 7.94 24.31
C GLU H 43 -18.74 7.08 25.30
N ILE H 44 -19.42 6.64 26.37
CA ILE H 44 -18.88 5.70 27.35
C ILE H 44 -19.80 4.47 27.35
N VAL H 45 -19.20 3.29 27.34
CA VAL H 45 -19.87 2.02 27.52
C VAL H 45 -19.19 1.41 28.76
N GLN H 46 -19.95 1.25 29.85
CA GLN H 46 -19.42 0.68 31.08
C GLN H 46 -20.14 -0.62 31.38
N ASN H 47 -19.37 -1.65 31.73
CA ASN H 47 -19.83 -2.97 32.14
C ASN H 47 -18.98 -3.32 33.36
N GLY H 48 -19.52 -3.05 34.54
CA GLY H 48 -18.82 -3.27 35.81
C GLY H 48 -17.60 -2.37 35.95
N LYS H 49 -16.42 -2.97 36.03
CA LYS H 49 -15.11 -2.32 36.13
C LYS H 49 -14.52 -2.03 34.75
N HIS H 50 -15.14 -2.55 33.69
CA HIS H 50 -14.67 -2.36 32.32
C HIS H 50 -15.34 -1.17 31.65
N PHE H 51 -14.51 -0.35 30.99
CA PHE H 51 -14.93 0.86 30.30
C PHE H 51 -14.40 0.96 28.89
N LYS H 52 -15.25 1.44 27.96
CA LYS H 52 -14.89 1.71 26.56
C LYS H 52 -15.32 3.12 26.29
N PHE H 53 -14.35 4.00 26.00
CA PHE H 53 -14.51 5.41 25.74
C PHE H 53 -14.34 5.69 24.25
N THR H 54 -15.22 6.50 23.65
CA THR H 54 -15.08 7.00 22.28
C THR H 54 -15.13 8.51 22.46
N ILE H 55 -13.97 9.14 22.55
CA ILE H 55 -13.85 10.57 22.86
C ILE H 55 -13.62 11.40 21.63
N THR H 56 -14.45 12.44 21.43
CA THR H 56 -14.28 13.47 20.41
C THR H 56 -13.52 14.59 21.11
N ALA H 57 -12.24 14.74 20.80
CA ALA H 57 -11.39 15.74 21.40
C ALA H 57 -10.81 16.57 20.26
N GLY H 58 -11.32 17.79 20.11
CA GLY H 58 -10.94 18.66 19.01
C GLY H 58 -11.31 17.99 17.69
N SER H 59 -10.33 17.87 16.79
CA SER H 59 -10.56 17.26 15.48
C SER H 59 -10.31 15.74 15.43
N LYS H 60 -10.00 15.11 16.59
CA LYS H 60 -9.67 13.68 16.72
C LYS H 60 -10.72 12.89 17.46
N VAL H 61 -10.92 11.62 17.06
CA VAL H 61 -11.80 10.68 17.77
C VAL H 61 -10.85 9.61 18.33
N ILE H 62 -10.80 9.48 19.65
CA ILE H 62 -9.91 8.54 20.36
C ILE H 62 -10.72 7.47 21.05
N GLN H 63 -10.36 6.22 20.82
CA GLN H 63 -11.00 5.08 21.44
C GLN H 63 -10.05 4.43 22.40
N ASN H 64 -10.48 4.32 23.67
CA ASN H 64 -9.69 3.72 24.74
C ASN H 64 -10.56 2.77 25.51
N GLU H 65 -9.97 1.71 25.95
CA GLU H 65 -10.64 0.74 26.81
C GLU H 65 -9.74 0.21 27.89
N PHE H 66 -10.31 0.02 29.07
CA PHE H 66 -9.58 -0.40 30.25
C PHE H 66 -10.51 -1.01 31.27
N THR H 67 -9.92 -1.76 32.21
CA THR H 67 -10.57 -2.30 33.40
C THR H 67 -9.94 -1.51 34.54
N VAL H 68 -10.75 -0.95 35.45
CA VAL H 68 -10.20 -0.18 36.56
C VAL H 68 -9.31 -1.04 37.46
N GLY H 69 -8.15 -0.52 37.82
CA GLY H 69 -7.18 -1.24 38.66
C GLY H 69 -6.24 -2.13 37.90
N GLU H 70 -6.44 -2.27 36.56
CA GLU H 70 -5.60 -3.11 35.73
C GLU H 70 -4.81 -2.25 34.78
N GLU H 71 -3.61 -2.71 34.43
CA GLU H 71 -2.76 -2.01 33.47
C GLU H 71 -3.50 -1.90 32.13
N CYS H 72 -3.49 -0.71 31.56
CA CYS H 72 -4.10 -0.45 30.27
C CYS H 72 -3.13 0.33 29.41
N GLU H 73 -3.41 0.40 28.13
CA GLU H 73 -2.65 1.17 27.18
C GLU H 73 -3.62 2.23 26.63
N LEU H 74 -3.39 3.50 26.96
CA LEU H 74 -4.23 4.61 26.53
C LEU H 74 -3.61 5.33 25.36
N GLU H 75 -4.45 5.72 24.38
CA GLU H 75 -4.03 6.52 23.24
C GLU H 75 -4.20 7.99 23.62
N THR H 76 -3.13 8.77 23.46
CA THR H 76 -3.12 10.19 23.80
C THR H 76 -3.49 11.03 22.60
N MET H 77 -3.69 12.33 22.85
CA MET H 77 -4.03 13.33 21.86
C MET H 77 -2.94 13.44 20.77
N THR H 78 -1.67 13.22 21.15
CA THR H 78 -0.53 13.25 20.22
C THR H 78 -0.38 11.96 19.38
N GLY H 79 -1.24 10.96 19.62
CA GLY H 79 -1.25 9.68 18.90
C GLY H 79 -0.41 8.61 19.54
N GLU H 80 0.34 8.99 20.57
CA GLU H 80 1.23 8.14 21.35
C GLU H 80 0.37 7.22 22.27
N LYS H 81 0.78 5.95 22.39
CA LYS H 81 0.11 5.01 23.29
C LYS H 81 0.94 4.86 24.57
N VAL H 82 0.31 5.08 25.74
CA VAL H 82 0.98 5.04 27.04
C VAL H 82 0.40 3.95 27.94
N LYS H 83 1.26 3.28 28.70
CA LYS H 83 0.86 2.25 29.66
C LYS H 83 0.59 2.93 30.99
N THR H 84 -0.61 2.74 31.54
CA THR H 84 -1.02 3.33 32.81
C THR H 84 -2.11 2.48 33.46
N VAL H 85 -2.76 3.01 34.50
CA VAL H 85 -3.84 2.39 35.25
C VAL H 85 -4.89 3.46 35.53
N VAL H 86 -6.15 3.12 35.39
CA VAL H 86 -7.25 4.02 35.70
C VAL H 86 -7.84 3.47 37.00
N GLN H 87 -8.12 4.36 37.97
CA GLN H 87 -8.70 3.95 39.24
C GLN H 87 -10.04 4.62 39.49
N LEU H 88 -10.87 4.00 40.30
CA LEU H 88 -12.13 4.57 40.75
C LEU H 88 -11.82 5.14 42.14
N GLU H 89 -12.04 6.44 42.34
CA GLU H 89 -11.87 7.10 43.63
C GLU H 89 -13.29 7.46 44.03
N GLY H 90 -14.09 6.40 44.15
CA GLY H 90 -15.51 6.41 44.45
C GLY H 90 -16.29 5.63 43.42
N ASP H 91 -17.62 5.78 43.41
CA ASP H 91 -18.51 5.14 42.45
C ASP H 91 -18.61 6.02 41.19
N ASN H 92 -18.24 7.30 41.28
CA ASN H 92 -18.42 8.24 40.17
C ASN H 92 -17.18 9.06 39.71
N LYS H 93 -15.94 8.64 40.07
CA LYS H 93 -14.70 9.36 39.75
C LYS H 93 -13.58 8.47 39.15
N LEU H 94 -13.21 8.70 37.89
CA LEU H 94 -12.16 7.89 37.26
C LEU H 94 -10.92 8.74 37.23
N VAL H 95 -9.84 8.22 37.80
CA VAL H 95 -8.59 8.96 37.92
C VAL H 95 -7.43 8.19 37.29
N THR H 96 -6.59 8.89 36.52
CA THR H 96 -5.42 8.33 35.88
C THR H 96 -4.34 9.38 35.69
N THR H 97 -3.13 8.92 35.41
CA THR H 97 -1.97 9.75 35.16
C THR H 97 -1.23 9.16 34.00
N PHE H 98 -0.69 10.02 33.16
CA PHE H 98 0.11 9.63 32.02
C PHE H 98 0.90 10.81 31.60
N LYS H 99 2.19 10.57 31.36
CA LYS H 99 3.20 11.53 30.98
C LYS H 99 3.07 12.95 31.61
N ASN H 100 2.90 13.00 32.94
CA ASN H 100 2.77 14.22 33.76
C ASN H 100 1.39 14.90 33.79
N ILE H 101 0.37 14.27 33.19
CA ILE H 101 -0.98 14.80 33.17
C ILE H 101 -1.79 13.99 34.17
N LYS H 102 -2.56 14.68 35.02
CA LYS H 102 -3.49 14.05 35.98
C LYS H 102 -4.88 14.24 35.37
N SER H 103 -5.56 13.11 35.08
CA SER H 103 -6.89 13.12 34.48
C SER H 103 -7.93 12.65 35.49
N VAL H 104 -9.01 13.44 35.66
CA VAL H 104 -10.11 13.14 36.57
C VAL H 104 -11.42 13.26 35.78
N THR H 105 -12.17 12.15 35.65
CA THR H 105 -13.47 12.09 34.99
C THR H 105 -14.52 11.90 36.08
N GLU H 106 -15.38 12.90 36.29
CA GLU H 106 -16.38 12.86 37.34
C GLU H 106 -17.79 12.97 36.79
N LEU H 107 -18.68 12.08 37.20
CA LEU H 107 -20.08 12.12 36.79
C LEU H 107 -20.97 12.57 37.96
N ASN H 108 -21.82 13.56 37.70
CA ASN H 108 -22.78 14.07 38.66
C ASN H 108 -24.12 14.17 37.94
N GLY H 109 -24.92 13.13 38.09
CA GLY H 109 -26.21 13.00 37.43
C GLY H 109 -26.07 12.82 35.94
N ASP H 110 -26.34 13.89 35.20
CA ASP H 110 -26.25 13.93 33.75
C ASP H 110 -24.92 14.51 33.30
N ILE H 111 -24.29 15.33 34.16
CA ILE H 111 -23.09 16.13 33.86
C ILE H 111 -21.80 15.42 34.15
N ILE H 112 -20.97 15.34 33.10
CA ILE H 112 -19.66 14.75 33.19
C ILE H 112 -18.61 15.85 33.15
N THR H 113 -17.72 15.89 34.14
CA THR H 113 -16.64 16.86 34.21
C THR H 113 -15.33 16.12 34.00
N ASN H 114 -14.58 16.47 32.93
CA ASN H 114 -13.27 15.90 32.66
C ASN H 114 -12.25 16.99 32.93
N THR H 115 -11.35 16.75 33.90
CA THR H 115 -10.30 17.70 34.29
C THR H 115 -8.94 17.08 34.01
N MET H 116 -8.14 17.76 33.18
CA MET H 116 -6.78 17.34 32.85
C MET H 116 -5.81 18.43 33.31
N THR H 117 -4.99 18.12 34.30
CA THR H 117 -4.02 19.04 34.90
C THR H 117 -2.60 18.67 34.45
N LEU H 118 -1.94 19.61 33.78
CA LEU H 118 -0.55 19.48 33.33
C LEU H 118 0.17 20.76 33.81
N GLY H 119 1.02 20.60 34.82
CA GLY H 119 1.69 21.74 35.46
C GLY H 119 0.64 22.58 36.15
N ASP H 120 0.56 23.85 35.79
CA ASP H 120 -0.46 24.74 36.35
C ASP H 120 -1.70 24.87 35.43
N ILE H 121 -1.70 24.15 34.30
CA ILE H 121 -2.79 24.22 33.33
C ILE H 121 -3.89 23.27 33.69
N VAL H 122 -5.11 23.81 33.91
CA VAL H 122 -6.29 23.01 34.20
C VAL H 122 -7.22 23.04 32.99
N PHE H 123 -7.21 21.96 32.19
CA PHE H 123 -8.04 21.78 31.00
C PHE H 123 -9.31 21.09 31.47
N LYS H 124 -10.43 21.81 31.46
CA LYS H 124 -11.69 21.30 31.97
C LYS H 124 -12.77 21.22 30.89
N ARG H 125 -13.42 20.06 30.76
CA ARG H 125 -14.49 19.81 29.79
C ARG H 125 -15.75 19.44 30.53
N ILE H 126 -16.87 20.07 30.17
CA ILE H 126 -18.18 19.80 30.79
C ILE H 126 -19.12 19.31 29.72
N SER H 127 -19.69 18.14 29.94
CA SER H 127 -20.55 17.50 28.97
C SER H 127 -21.87 17.06 29.58
N LYS H 128 -22.89 16.93 28.74
CA LYS H 128 -24.22 16.56 29.21
C LYS H 128 -24.72 15.38 28.43
N ARG H 129 -25.33 14.44 29.12
CA ARG H 129 -25.93 13.23 28.55
C ARG H 129 -27.02 13.61 27.54
N ILE H 130 -27.03 12.95 26.38
CA ILE H 130 -28.00 13.18 25.31
C ILE H 130 -28.77 11.90 24.95
C01 VI9 I . -4.70 -20.61 4.06
C02 VI9 I . -3.50 -21.47 4.07
C04 VI9 I . -4.74 -19.12 3.62
C06 VI9 I . -5.35 -22.82 5.00
C07 VI9 I . -3.95 -22.88 4.64
C11 VI9 I . -2.36 -25.90 5.97
C15 VI9 I . -1.65 -20.98 2.31
C16 VI9 I . -2.15 -26.88 7.06
C17 VI9 I . -7.49 -23.98 5.64
C19 VI9 I . -8.18 -25.26 6.00
C20 VI9 I . -7.48 -26.47 6.39
C21 VI9 I . -8.63 -27.54 6.51
C22 VI9 I . -9.98 -26.74 6.31
C23 VI9 I . -9.56 -25.41 5.92
C24 VI9 I . -10.51 -24.29 5.52
C03 VI9 I . -2.09 -21.04 3.74
S05 VI9 I . -5.94 -21.43 4.62
N08 VI9 I . -6.06 -23.98 5.45
C09 VI9 I . -3.12 -24.15 4.92
N10 VI9 I . -3.17 -24.82 6.09
N12 VI9 I . -1.83 -25.93 4.72
O13 VI9 I . -2.34 -24.85 4.06
C14 VI9 I . -1.05 -22.01 3.22
O18 VI9 I . -8.12 -22.93 5.48
O25 VI9 I . -11.05 -23.59 6.43
O26 VI9 I . -10.73 -23.98 4.29
F27 VI9 I . -1.58 -27.97 6.55
F28 VI9 I . -1.34 -26.34 7.97
F29 VI9 I . -3.34 -27.16 7.60
S SCN J . 0.10 -17.80 3.96
C SCN J . 1.45 -16.89 3.87
N SCN J . 2.36 -16.21 4.00
C01 VI9 K . 16.48 -6.45 13.17
C02 VI9 K . 16.69 -6.79 11.76
C04 VI9 K . 15.89 -7.38 14.27
C06 VI9 K . 17.41 -4.42 12.00
C07 VI9 K . 17.28 -5.51 11.06
C11 VI9 K . 17.59 -4.48 7.58
C15 VI9 K . 17.12 -9.31 11.37
C16 VI9 K . 17.19 -3.63 6.44
C17 VI9 K . 18.14 -2.04 12.47
C19 VI9 K . 18.80 -0.76 12.01
C20 VI9 K . 19.03 -0.44 10.60
C21 VI9 K . 20.13 0.67 10.72
C22 VI9 K . 19.90 1.29 12.15
C23 VI9 K . 19.30 0.21 12.87
C24 VI9 K . 19.25 0.14 14.38
C03 VI9 K . 16.36 -8.06 11.01
S05 VI9 K . 16.93 -4.94 13.39
N08 VI9 K . 17.97 -3.18 11.60
C09 VI9 K . 17.63 -5.30 9.56
N10 VI9 K . 17.00 -4.42 8.80
N12 VI9 K . 18.58 -5.39 7.58
O13 VI9 K . 18.63 -5.89 8.85
C14 VI9 K . 17.41 -8.60 10.07
O18 VI9 K . 17.79 -2.15 13.61
O25 VI9 K . 18.12 0.22 14.96
O26 VI9 K . 20.31 -0.03 15.09
F27 VI9 K . 18.21 -3.55 5.60
F28 VI9 K . 16.13 -4.23 5.88
F29 VI9 K . 16.88 -2.42 6.93
S SCN L . 13.65 -11.15 11.91
C SCN L . 12.78 -12.52 11.65
N SCN L . 12.11 -13.41 11.32
C01 VI9 M . 36.32 -12.04 23.26
C02 VI9 M . 36.17 -12.18 24.71
C04 VI9 M . 36.18 -13.13 22.19
C06 VI9 M . 36.80 -9.81 24.29
C07 VI9 M . 36.44 -10.74 25.32
C11 VI9 M . 37.07 -9.25 28.59
C15 VI9 M . 34.75 -13.32 26.52
C16 VI9 M . 37.93 -8.53 29.54
C17 VI9 M . 37.39 -7.50 23.48
C19 VI9 M . 37.56 -6.06 23.82
C20 VI9 M . 37.70 -5.55 25.19
C21 VI9 M . 37.68 -3.99 25.03
C22 VI9 M . 37.67 -3.74 23.47
C23 VI9 M . 37.53 -5.06 22.87
C24 VI9 M . 37.40 -5.33 21.38
C03 VI9 M . 35.80 -13.46 25.44
S05 VI9 M . 36.68 -10.54 22.96
N08 VI9 M . 37.06 -8.44 24.55
C09 VI9 M . 36.45 -10.26 26.79
N10 VI9 M . 37.45 -9.55 27.33
N12 VI9 M . 35.83 -9.74 28.83
O13 VI9 M . 35.44 -10.36 27.68
C14 VI9 M . 36.19 -13.61 26.91
O18 VI9 M . 37.45 -7.89 22.34
O25 VI9 M . 38.45 -5.49 20.68
O26 VI9 M . 36.26 -5.50 20.82
F27 VI9 M . 37.21 -8.13 30.58
F28 VI9 M . 38.89 -9.38 29.91
F29 VI9 M . 38.47 -7.50 28.90
S SCN N . 36.39 -17.24 24.29
C SCN N . 36.25 -18.78 24.81
N SCN N . 36.08 -19.89 25.09
C01 VI9 O . -12.82 -21.30 -17.11
C02 VI9 O . -13.70 -20.18 -17.45
C04 VI9 O . -11.28 -21.33 -17.27
C06 VI9 O . -15.19 -22.01 -16.62
C07 VI9 O . -15.20 -20.65 -17.11
C11 VI9 O . -18.63 -19.60 -17.81
C15 VI9 O . -12.72 -17.82 -16.99
C16 VI9 O . -19.98 -19.87 -18.38
C17 VI9 O . -16.33 -23.99 -15.58
C19 VI9 O . -17.58 -24.60 -15.02
C20 VI9 O . -18.91 -24.05 -15.24
C21 VI9 O . -19.84 -24.93 -14.30
C22 VI9 O . -18.90 -26.09 -13.74
C23 VI9 O . -17.56 -25.71 -14.17
C24 VI9 O . -16.30 -26.44 -13.78
C03 VI9 O . -13.27 -18.82 -18.00
S05 VI9 O . -13.71 -22.48 -16.56
N08 VI9 O . -16.38 -22.65 -16.15
C09 VI9 O . -16.55 -19.91 -17.26
N10 VI9 O . -17.60 -20.48 -17.88
N12 VI9 O . -18.22 -18.51 -17.13
O13 VI9 O . -16.93 -18.71 -16.77
C14 VI9 O . -14.07 -17.58 -17.64
O18 VI9 O . -15.29 -24.58 -15.54
O25 VI9 O . -15.93 -27.43 -14.48
O26 VI9 O . -15.57 -26.08 -12.79
F27 VI9 O . -20.84 -19.01 -17.89
F28 VI9 O . -19.88 -19.73 -19.71
F29 VI9 O . -20.35 -21.12 -18.07
S SCN P . -10.61 -17.82 -20.45
C SCN P . -9.61 -16.63 -20.94
N SCN P . -9.00 -15.72 -21.30
C01 VI9 Q . -17.11 12.79 4.99
C02 VI9 Q . -16.96 14.16 4.49
C04 VI9 Q . -16.01 11.68 4.98
C06 VI9 Q . -19.36 13.93 5.23
C07 VI9 Q . -18.37 14.87 4.69
C11 VI9 Q . -20.09 17.83 3.52
C15 VI9 Q . -15.35 16.18 4.39
C16 VI9 Q . -21.17 18.46 2.72
C17 VI9 Q . -21.69 13.50 6.24
C19 VI9 Q . -23.03 14.04 6.62
C20 VI9 Q . -23.50 15.35 6.20
C21 VI9 Q . -24.70 15.64 7.20
C22 VI9 Q . -25.15 14.19 7.67
C23 VI9 Q . -23.95 13.41 7.47
C24 VI9 Q . -23.79 12.03 8.07
C03 VI9 Q . -15.72 14.81 3.89
S05 VI9 Q . -18.60 12.60 5.49
N08 VI9 Q . -20.71 14.36 5.57
C09 VI9 Q . -18.84 16.29 4.37
N10 VI9 Q . -19.90 16.49 3.56
N12 VI9 Q . -19.19 18.45 4.32
O13 VI9 Q . -18.41 17.47 4.88
C14 VI9 Q . -15.91 16.02 3.01
O18 VI9 Q . -21.43 12.35 6.51
O25 VI9 Q . -24.55 11.08 7.67
O26 VI9 Q . -22.90 11.85 8.98
F27 VI9 Q . -20.64 18.80 1.54
F28 VI9 Q . -22.15 17.57 2.54
F29 VI9 Q . -21.60 19.49 3.42
S SCN R . -13.05 13.65 1.34
C SCN R . -11.74 13.74 0.35
N SCN R . -10.91 13.83 -0.44
C01 VI9 S . -2.98 11.97 -18.25
C02 VI9 S . -2.31 12.72 -17.17
C04 VI9 S . -4.46 12.08 -18.63
C06 VI9 S . -0.61 11.17 -18.11
C07 VI9 S . -0.81 12.20 -17.10
C11 VI9 S . 2.06 12.42 -14.82
C15 VI9 S . -3.19 15.10 -16.72
C16 VI9 S . 3.10 11.82 -13.95
C17 VI9 S . 0.92 9.69 -19.39
C19 VI9 S . 2.31 9.18 -19.63
C20 VI9 S . 3.43 9.42 -18.74
C21 VI9 S . 4.65 8.92 -19.57
C22 VI9 S . 4.05 8.11 -20.79
C23 VI9 S . 2.64 8.47 -20.78
C24 VI9 S . 1.63 8.14 -21.88
C03 VI9 S . -2.94 13.72 -16.23
S05 VI9 S . -1.94 10.99 -18.93
N08 VI9 S . 0.70 10.63 -18.31
C09 VI9 S . 0.36 12.62 -16.16
N10 VI9 S . 1.12 11.71 -15.50
N12 VI9 S . 1.89 13.73 -15.05
O13 VI9 S . 0.84 13.86 -15.92
C14 VI9 S . -2.12 14.86 -15.69
O18 VI9 S . -0.02 9.33 -20.09
O25 VI9 S . 1.02 7.03 -21.84
O26 VI9 S . 1.32 8.99 -22.80
F27 VI9 S . 4.05 12.71 -13.69
F28 VI9 S . 2.51 11.43 -12.82
F29 VI9 S . 3.59 10.78 -14.63
S SCN T . -6.77 14.27 -14.85
C SCN T . -7.87 15.10 -13.97
N SCN T . -8.72 15.53 -13.33
C01 VI9 U . -1.97 24.60 -37.37
C02 VI9 U . -2.96 24.36 -38.42
C04 VI9 U . -2.05 25.55 -36.15
C06 VI9 U . -0.98 22.97 -39.04
C07 VI9 U . -2.35 23.27 -39.41
C11 VI9 U . -3.24 21.66 -42.56
C15 VI9 U . -5.32 24.31 -37.51
C16 VI9 U . -3.18 20.57 -43.56
C17 VI9 U . 1.17 21.63 -39.12
C19 VI9 U . 1.95 20.52 -39.73
C20 VI9 U . 1.47 19.73 -40.85
C21 VI9 U . 2.75 18.92 -41.26
C22 VI9 U . 3.66 18.91 -39.97
C23 VI9 U . 3.16 20.04 -39.23
C24 VI9 U . 3.90 20.64 -38.04
C03 VI9 U . -4.36 24.95 -38.48
S05 VI9 U . -0.70 23.78 -37.75
N08 VI9 U . -0.15 21.98 -39.66
C09 VI9 U . -2.93 22.77 -40.74
N10 VI9 U . -2.55 21.66 -41.39
N12 VI9 U . -4.00 22.77 -42.64
O13 VI9 U . -3.77 23.49 -41.52
C14 VI9 U . -5.51 24.12 -39.00
O18 VI9 U . 1.62 22.22 -38.15
O25 VI9 U . 4.74 21.57 -38.23
O26 VI9 U . 3.66 20.23 -36.86
F27 VI9 U . -3.72 19.49 -43.01
F28 VI9 U . -3.83 20.94 -44.66
F29 VI9 U . -1.90 20.37 -43.88
S SCN V . -5.34 28.22 -37.00
C SCN V . -6.55 29.29 -36.74
N SCN V . -7.38 30.09 -36.64
C01 VI9 W . -8.69 14.05 26.06
C02 VI9 W . -8.13 12.77 26.53
C04 VI9 W . -7.93 15.13 25.24
C06 VI9 W . -10.47 12.86 27.37
C07 VI9 W . -9.29 12.03 27.32
C11 VI9 W . -9.66 9.22 29.62
C15 VI9 W . -6.41 11.64 24.97
C16 VI9 W . -10.03 8.67 30.94
C17 VI9 W . -12.91 13.21 27.86
C19 VI9 W . -14.19 12.66 28.40
C20 VI9 W . -14.25 11.47 29.22
C21 VI9 W . -15.79 11.22 29.36
C22 VI9 W . -16.50 12.48 28.71
C23 VI9 W . -15.42 13.20 28.08
C24 VI9 W . -15.62 14.45 27.24
C03 VI9 W . -6.71 12.26 26.31
S05 VI9 W . -10.19 14.14 26.52
N08 VI9 W . -11.69 12.41 27.94
C09 VI9 W . -9.30 10.67 28.05
N10 VI9 W . -9.74 10.53 29.32
N12 VI9 W . -9.20 8.53 28.55
O13 VI9 W . -8.99 9.45 27.55
C14 VI9 W . -6.43 10.78 26.21
O18 VI9 W . -12.89 14.29 27.32
O25 VI9 W . -15.67 15.58 27.83
O26 VI9 W . -15.67 14.41 25.96
F27 VI9 W . -10.17 7.35 30.85
F28 VI9 W . -9.06 8.99 31.80
F29 VI9 W . -11.19 9.22 31.30
S SCN X . -3.52 13.93 25.93
C SCN X . -1.90 14.00 25.96
N SCN X . -0.75 14.16 25.95
#